data_2FYJ
#
_entry.id   2FYJ
#
_entity_poly.entity_id   1
_entity_poly.type   'polypeptide(L)'
_entity_poly.pdbx_seq_one_letter_code
;SARTCPPNQFSCASGRCIPISWTCDLDDDCGDRSDESASCAYPTCFPLTQFTCNNGRCININWRCDNDNDCGDNSDEAGC
SH
;
_entity_poly.pdbx_strand_id   A
#
# COMPACT_ATOMS: atom_id res chain seq x y z
N SER A 1 -9.53 14.59 -16.30
CA SER A 1 -9.22 13.33 -15.58
C SER A 1 -10.26 12.27 -15.91
N ALA A 2 -9.79 11.12 -16.37
CA ALA A 2 -10.68 9.99 -16.66
C ALA A 2 -11.19 9.40 -15.35
N ARG A 3 -12.51 9.27 -15.25
CA ARG A 3 -13.16 8.76 -14.03
C ARG A 3 -13.06 9.78 -12.91
N THR A 4 -11.89 9.87 -12.30
CA THR A 4 -11.64 10.77 -11.18
C THR A 4 -10.14 10.91 -10.98
N CYS A 5 -9.57 9.81 -10.56
CA CYS A 5 -8.14 9.70 -10.34
C CYS A 5 -7.50 9.24 -11.65
N PRO A 6 -6.25 9.67 -11.93
CA PRO A 6 -5.54 9.32 -13.17
C PRO A 6 -5.54 7.81 -13.47
N PRO A 7 -5.22 7.42 -14.72
CA PRO A 7 -5.22 6.01 -15.16
C PRO A 7 -4.44 5.08 -14.23
N ASN A 8 -3.21 5.45 -13.92
CA ASN A 8 -2.35 4.63 -13.04
C ASN A 8 -2.60 5.01 -11.58
N GLN A 9 -3.79 5.50 -11.32
CA GLN A 9 -4.14 6.02 -10.01
C GLN A 9 -5.52 5.52 -9.60
N PHE A 10 -5.69 5.28 -8.33
CA PHE A 10 -6.89 4.71 -7.79
C PHE A 10 -7.66 5.72 -6.95
N SER A 11 -8.94 5.75 -7.15
CA SER A 11 -9.84 6.59 -6.41
C SER A 11 -10.60 5.74 -5.41
N CYS A 12 -10.19 5.84 -4.14
CA CYS A 12 -10.70 5.00 -3.07
C CYS A 12 -12.22 5.14 -2.92
N ALA A 13 -12.60 6.03 -2.04
CA ALA A 13 -13.99 6.42 -1.87
C ALA A 13 -14.41 7.35 -3.02
N SER A 14 -13.88 7.06 -4.21
CA SER A 14 -14.06 7.89 -5.41
C SER A 14 -13.36 9.24 -5.27
N GLY A 15 -13.56 9.91 -4.14
CA GLY A 15 -13.02 11.24 -3.95
C GLY A 15 -11.56 11.22 -3.55
N ARG A 16 -11.11 10.10 -2.98
CA ARG A 16 -9.73 9.97 -2.57
C ARG A 16 -8.91 9.40 -3.74
N CYS A 17 -7.76 9.98 -4.00
CA CYS A 17 -7.02 9.72 -5.22
C CYS A 17 -5.57 9.38 -4.90
N ILE A 18 -5.28 8.08 -4.97
CA ILE A 18 -3.99 7.53 -4.58
C ILE A 18 -3.42 6.72 -5.73
N PRO A 19 -2.12 6.38 -5.74
CA PRO A 19 -1.55 5.52 -6.79
C PRO A 19 -2.05 4.08 -6.67
N ILE A 20 -2.19 3.38 -7.79
CA ILE A 20 -2.68 2.01 -7.76
C ILE A 20 -1.59 1.05 -7.34
N SER A 21 -1.86 0.39 -6.23
CA SER A 21 -0.96 -0.56 -5.57
C SER A 21 -1.26 -0.42 -4.09
N TRP A 22 -1.74 0.77 -3.79
CA TRP A 22 -2.13 1.15 -2.44
C TRP A 22 -3.53 0.63 -2.13
N THR A 23 -4.17 0.09 -3.17
CA THR A 23 -5.53 -0.41 -3.04
C THR A 23 -5.59 -1.51 -1.99
N CYS A 24 -4.86 -2.55 -2.28
CA CYS A 24 -4.70 -3.66 -1.39
C CYS A 24 -3.47 -3.47 -0.51
N ASP A 25 -3.66 -2.75 0.58
CA ASP A 25 -2.55 -2.32 1.41
C ASP A 25 -2.69 -2.84 2.84
N LEU A 26 -3.92 -3.17 3.21
CA LEU A 26 -4.27 -3.61 4.55
C LEU A 26 -4.35 -2.42 5.49
N ASP A 27 -5.51 -1.77 5.46
CA ASP A 27 -5.86 -0.71 6.40
C ASP A 27 -5.19 0.63 6.11
N ASP A 28 -3.86 0.66 6.25
CA ASP A 28 -3.13 1.92 6.46
C ASP A 28 -3.49 3.03 5.47
N ASP A 29 -3.54 2.73 4.17
CA ASP A 29 -3.85 3.76 3.19
C ASP A 29 -5.28 4.29 3.34
N CYS A 30 -6.26 3.49 3.00
CA CYS A 30 -7.65 3.94 3.05
C CYS A 30 -8.40 3.19 4.13
N GLY A 31 -8.42 1.85 4.06
CA GLY A 31 -8.95 1.08 5.17
C GLY A 31 -9.51 -0.26 4.77
N ASP A 32 -10.52 -0.26 3.88
CA ASP A 32 -11.35 -1.45 3.63
C ASP A 32 -12.53 -1.11 2.75
N ARG A 33 -13.11 0.07 3.01
CA ARG A 33 -14.41 0.50 2.46
C ARG A 33 -14.57 0.09 0.99
N SER A 34 -13.69 0.58 0.14
CA SER A 34 -13.73 0.24 -1.27
C SER A 34 -12.36 -0.22 -1.76
N ASP A 35 -11.32 0.22 -1.07
CA ASP A 35 -9.95 -0.08 -1.43
C ASP A 35 -9.64 -1.55 -1.28
N GLU A 36 -10.25 -2.17 -0.28
CA GLU A 36 -10.00 -3.59 0.00
C GLU A 36 -11.20 -4.43 -0.43
N SER A 37 -12.29 -3.77 -0.78
CA SER A 37 -13.54 -4.47 -1.09
C SER A 37 -13.89 -4.40 -2.58
N ALA A 38 -13.02 -3.81 -3.39
CA ALA A 38 -13.32 -3.69 -4.82
C ALA A 38 -12.19 -4.22 -5.69
N SER A 39 -11.31 -5.03 -5.10
CA SER A 39 -10.17 -5.57 -5.83
C SER A 39 -9.47 -6.67 -5.03
N CYS A 40 -9.28 -6.39 -3.75
CA CYS A 40 -8.51 -7.25 -2.86
C CYS A 40 -9.12 -8.63 -2.65
N ALA A 41 -8.37 -9.62 -3.11
CA ALA A 41 -8.65 -11.02 -2.84
C ALA A 41 -7.30 -11.73 -2.79
N TYR A 42 -6.34 -11.05 -2.18
CA TYR A 42 -4.93 -11.39 -2.30
C TYR A 42 -4.40 -12.27 -1.17
N PRO A 43 -3.52 -13.21 -1.52
CA PRO A 43 -2.67 -13.89 -0.58
C PRO A 43 -1.22 -13.37 -0.65
N THR A 44 -1.05 -12.21 -1.29
CA THR A 44 0.29 -11.71 -1.62
C THR A 44 0.37 -10.18 -1.48
N CYS A 45 -0.53 -9.61 -0.68
CA CYS A 45 -0.62 -8.15 -0.52
C CYS A 45 -1.05 -7.50 -1.83
N PHE A 46 -0.10 -7.21 -2.70
CA PHE A 46 -0.41 -6.67 -4.01
C PHE A 46 0.82 -6.70 -4.91
N PRO A 47 0.71 -7.39 -6.06
CA PRO A 47 1.84 -7.59 -6.97
C PRO A 47 2.09 -6.40 -7.91
N LEU A 48 1.78 -5.20 -7.46
CA LEU A 48 2.08 -4.01 -8.24
C LEU A 48 3.39 -3.39 -7.75
N THR A 49 3.38 -2.88 -6.53
CA THR A 49 4.56 -2.27 -5.95
C THR A 49 4.34 -2.05 -4.45
N GLN A 50 4.63 -3.08 -3.67
CA GLN A 50 4.34 -3.11 -2.23
C GLN A 50 5.38 -3.97 -1.52
N PHE A 51 5.41 -3.90 -0.19
CA PHE A 51 6.27 -4.76 0.61
C PHE A 51 5.41 -5.59 1.56
N THR A 52 5.90 -6.75 1.94
CA THR A 52 5.18 -7.61 2.84
C THR A 52 5.85 -7.60 4.20
N CYS A 53 5.26 -6.85 5.13
CA CYS A 53 5.72 -6.81 6.50
C CYS A 53 5.80 -8.21 7.11
N ASN A 54 6.84 -8.45 7.90
CA ASN A 54 7.13 -9.79 8.39
C ASN A 54 6.27 -10.15 9.59
N ASN A 55 5.64 -9.14 10.21
CA ASN A 55 4.69 -9.38 11.27
C ASN A 55 3.41 -10.02 10.73
N GLY A 56 3.28 -10.04 9.40
CA GLY A 56 2.11 -10.59 8.78
C GLY A 56 1.29 -9.54 8.08
N ARG A 57 1.75 -8.30 8.19
CA ARG A 57 1.07 -7.17 7.58
C ARG A 57 1.60 -6.96 6.16
N CYS A 58 0.90 -6.16 5.39
CA CYS A 58 1.41 -5.70 4.12
C CYS A 58 1.60 -4.20 4.20
N ILE A 59 2.67 -3.68 3.61
CA ILE A 59 2.95 -2.27 3.71
C ILE A 59 3.39 -1.70 2.37
N ASN A 60 3.30 -0.38 2.24
CA ASN A 60 3.68 0.30 1.01
C ASN A 60 5.18 0.20 0.77
N ILE A 61 5.56 0.05 -0.50
CA ILE A 61 6.94 -0.26 -0.88
C ILE A 61 7.90 0.92 -0.66
N ASN A 62 7.37 2.09 -0.33
CA ASN A 62 8.19 3.30 -0.27
C ASN A 62 8.50 3.69 1.18
N TRP A 63 8.58 2.69 2.06
CA TRP A 63 8.89 2.94 3.47
C TRP A 63 10.30 2.44 3.79
N ARG A 64 11.06 2.14 2.74
CA ARG A 64 12.48 1.79 2.86
C ARG A 64 13.25 2.95 3.48
N CYS A 65 13.72 2.81 4.70
CA CYS A 65 14.49 3.87 5.35
C CYS A 65 15.94 3.45 5.56
N ASP A 66 16.15 2.51 6.45
CA ASP A 66 17.49 2.01 6.78
C ASP A 66 18.09 1.28 5.59
N ASN A 67 17.26 0.41 5.02
CA ASN A 67 17.66 -0.50 3.96
C ASN A 67 16.44 -1.31 3.57
N ASP A 68 15.63 -1.64 4.57
CA ASP A 68 14.39 -2.36 4.33
C ASP A 68 13.21 -1.41 4.55
N ASN A 69 12.00 -1.96 4.65
CA ASN A 69 10.79 -1.15 4.53
C ASN A 69 10.02 -1.03 5.85
N ASP A 70 10.01 0.18 6.41
CA ASP A 70 9.38 0.50 7.70
C ASP A 70 8.06 -0.21 7.92
N CYS A 71 7.98 -0.95 9.02
CA CYS A 71 6.72 -1.54 9.44
C CYS A 71 6.56 -1.47 10.96
N GLY A 72 7.52 -2.03 11.68
CA GLY A 72 7.51 -1.94 13.12
C GLY A 72 7.18 -3.24 13.82
N ASP A 73 8.12 -4.18 13.76
CA ASP A 73 8.03 -5.43 14.52
C ASP A 73 9.40 -6.10 14.63
N ASN A 74 9.82 -6.77 13.57
CA ASN A 74 11.13 -7.43 13.53
C ASN A 74 11.57 -7.60 12.08
N SER A 75 10.96 -6.81 11.21
CA SER A 75 11.18 -6.89 9.79
C SER A 75 12.32 -5.99 9.32
N ASP A 76 11.90 -4.81 8.84
CA ASP A 76 12.76 -3.77 8.31
C ASP A 76 13.83 -3.37 9.32
N GLU A 77 13.34 -2.95 10.46
CA GLU A 77 14.13 -2.35 11.53
C GLU A 77 13.20 -2.00 12.68
N ALA A 78 11.91 -1.91 12.35
CA ALA A 78 10.81 -1.75 13.31
C ALA A 78 10.55 -0.28 13.62
N GLY A 79 10.97 0.60 12.72
CA GLY A 79 10.64 2.00 12.87
C GLY A 79 11.84 2.92 12.74
N CYS A 80 12.04 3.44 11.55
CA CYS A 80 13.09 4.43 11.30
C CYS A 80 12.76 5.71 12.05
N SER A 81 13.30 5.82 13.26
CA SER A 81 12.89 6.87 14.17
C SER A 81 13.95 7.97 14.28
N HIS A 82 13.50 9.14 14.72
CA HIS A 82 14.39 10.28 14.95
C HIS A 82 13.75 11.22 15.96
N SER A 1 -9.52 3.39 -9.74
CA SER A 1 -8.12 3.54 -10.20
C SER A 1 -7.85 4.95 -10.69
N ALA A 2 -8.27 5.25 -11.92
CA ALA A 2 -8.02 6.56 -12.51
C ALA A 2 -9.32 7.30 -12.77
N ARG A 3 -9.32 8.59 -12.46
CA ARG A 3 -10.43 9.51 -12.75
C ARG A 3 -10.13 10.87 -12.14
N THR A 4 -9.34 10.87 -11.07
CA THR A 4 -8.98 12.09 -10.38
C THR A 4 -7.46 12.22 -10.23
N CYS A 5 -6.77 11.12 -10.46
CA CYS A 5 -5.34 11.04 -10.18
C CYS A 5 -4.56 10.57 -11.40
N PRO A 6 -3.24 10.87 -11.43
CA PRO A 6 -2.33 10.41 -12.49
C PRO A 6 -2.28 8.88 -12.60
N PRO A 7 -1.73 8.35 -13.71
CA PRO A 7 -1.68 6.91 -13.99
C PRO A 7 -1.01 6.08 -12.88
N ASN A 8 0.01 6.63 -12.24
CA ASN A 8 0.73 5.91 -11.20
C ASN A 8 0.17 6.23 -9.82
N GLN A 9 -1.00 6.87 -9.82
CA GLN A 9 -1.69 7.25 -8.60
C GLN A 9 -3.05 6.60 -8.60
N PHE A 10 -3.65 6.56 -7.44
CA PHE A 10 -4.95 5.98 -7.30
C PHE A 10 -5.94 7.02 -6.82
N SER A 11 -6.95 7.21 -7.62
CA SER A 11 -8.03 8.10 -7.31
C SER A 11 -9.20 7.29 -6.85
N CYS A 12 -9.51 7.47 -5.58
CA CYS A 12 -10.58 6.76 -4.94
C CYS A 12 -11.93 7.30 -5.40
N ALA A 13 -12.98 7.09 -4.61
CA ALA A 13 -14.31 7.51 -4.97
C ALA A 13 -14.41 9.04 -5.11
N SER A 14 -14.15 9.50 -6.32
CA SER A 14 -14.34 10.88 -6.74
C SER A 14 -13.94 11.90 -5.68
N GLY A 15 -12.64 12.11 -5.53
CA GLY A 15 -12.17 13.15 -4.65
C GLY A 15 -10.85 12.81 -3.96
N ARG A 16 -10.68 11.55 -3.59
CA ARG A 16 -9.47 11.12 -2.93
C ARG A 16 -8.39 10.88 -3.96
N CYS A 17 -7.16 11.26 -3.64
CA CYS A 17 -6.08 11.19 -4.59
C CYS A 17 -4.81 10.74 -3.91
N ILE A 18 -4.55 9.45 -4.01
CA ILE A 18 -3.42 8.84 -3.37
C ILE A 18 -2.57 8.16 -4.45
N PRO A 19 -1.40 7.60 -4.14
CA PRO A 19 -0.64 6.80 -5.11
C PRO A 19 -1.18 5.38 -5.25
N ILE A 20 -0.87 4.73 -6.36
CA ILE A 20 -1.38 3.39 -6.69
C ILE A 20 -1.03 2.36 -5.61
N SER A 21 0.12 2.51 -4.99
CA SER A 21 0.64 1.53 -4.05
C SER A 21 -0.12 1.54 -2.71
N TRP A 22 -1.27 2.19 -2.68
CA TRP A 22 -2.00 2.40 -1.42
C TRP A 22 -3.44 1.87 -1.46
N THR A 23 -3.74 0.95 -2.37
CA THR A 23 -5.08 0.41 -2.40
C THR A 23 -5.20 -0.65 -1.32
N CYS A 24 -6.21 -1.50 -1.44
CA CYS A 24 -6.43 -2.62 -0.55
C CYS A 24 -5.17 -3.17 0.08
N ASP A 25 -4.92 -2.77 1.33
CA ASP A 25 -3.88 -3.38 2.14
C ASP A 25 -4.35 -3.51 3.58
N LEU A 26 -4.09 -2.50 4.38
CA LEU A 26 -4.47 -2.52 5.77
C LEU A 26 -4.89 -1.12 6.24
N ASP A 27 -4.86 -0.14 5.32
CA ASP A 27 -5.18 1.24 5.69
C ASP A 27 -6.65 1.57 5.40
N ASP A 28 -7.11 2.68 5.97
CA ASP A 28 -8.52 3.00 6.01
C ASP A 28 -8.83 4.32 5.29
N ASP A 29 -7.91 4.75 4.43
CA ASP A 29 -8.14 5.97 3.64
C ASP A 29 -9.38 5.80 2.78
N CYS A 30 -9.54 4.59 2.29
CA CYS A 30 -10.75 4.19 1.58
C CYS A 30 -11.11 2.75 1.92
N GLY A 31 -10.84 2.36 3.17
CA GLY A 31 -11.14 1.01 3.65
C GLY A 31 -12.64 0.78 3.84
N ASP A 32 -13.40 1.11 2.80
CA ASP A 32 -14.86 1.09 2.81
C ASP A 32 -15.37 1.66 1.50
N ARG A 33 -14.72 2.72 1.07
CA ARG A 33 -15.15 3.48 -0.11
C ARG A 33 -14.81 2.75 -1.41
N SER A 34 -15.36 1.55 -1.57
CA SER A 34 -15.28 0.78 -2.82
C SER A 34 -13.90 0.17 -3.08
N ASP A 35 -12.84 0.83 -2.59
CA ASP A 35 -11.47 0.36 -2.83
C ASP A 35 -11.25 -1.04 -2.28
N GLU A 36 -12.02 -1.39 -1.26
CA GLU A 36 -11.82 -2.64 -0.54
C GLU A 36 -12.85 -3.66 -1.01
N SER A 37 -13.31 -3.46 -2.24
CA SER A 37 -14.18 -4.42 -2.89
C SER A 37 -13.83 -4.46 -4.38
N ALA A 38 -12.68 -3.88 -4.72
CA ALA A 38 -12.28 -3.79 -6.12
C ALA A 38 -10.77 -3.99 -6.30
N SER A 39 -9.98 -3.59 -5.31
CA SER A 39 -8.53 -3.64 -5.45
C SER A 39 -7.92 -4.77 -4.63
N CYS A 40 -8.70 -5.29 -3.68
CA CYS A 40 -8.25 -6.37 -2.81
C CYS A 40 -7.91 -7.64 -3.59
N ALA A 41 -6.63 -7.79 -3.88
CA ALA A 41 -6.10 -8.98 -4.51
C ALA A 41 -4.68 -9.21 -4.03
N TYR A 42 -4.48 -9.01 -2.73
CA TYR A 42 -3.14 -9.08 -2.14
C TYR A 42 -2.99 -10.29 -1.21
N PRO A 43 -2.56 -11.44 -1.76
CA PRO A 43 -2.22 -12.62 -0.97
C PRO A 43 -0.80 -12.51 -0.42
N THR A 44 -0.04 -11.61 -1.02
CA THR A 44 1.34 -11.37 -0.61
C THR A 44 1.55 -9.86 -0.43
N CYS A 45 0.44 -9.15 -0.24
CA CYS A 45 0.44 -7.69 -0.15
C CYS A 45 1.00 -7.06 -1.42
N PHE A 46 0.31 -7.30 -2.53
CA PHE A 46 0.70 -6.74 -3.81
C PHE A 46 -0.40 -7.01 -4.83
N PRO A 47 -1.30 -6.05 -5.04
CA PRO A 47 -2.22 -6.06 -6.15
C PRO A 47 -1.75 -5.17 -7.30
N LEU A 48 -0.76 -4.33 -7.01
CA LEU A 48 -0.31 -3.30 -7.96
C LEU A 48 1.16 -2.94 -7.76
N THR A 49 1.51 -2.58 -6.53
CA THR A 49 2.89 -2.18 -6.20
C THR A 49 3.07 -2.08 -4.69
N GLN A 50 3.23 -3.20 -4.03
CA GLN A 50 3.39 -3.19 -2.58
C GLN A 50 4.39 -4.23 -2.14
N PHE A 51 4.65 -4.26 -0.85
CA PHE A 51 5.54 -5.23 -0.26
C PHE A 51 4.87 -5.79 0.99
N THR A 52 5.23 -6.99 1.39
CA THR A 52 4.66 -7.54 2.60
C THR A 52 5.71 -7.54 3.71
N CYS A 53 5.46 -6.73 4.72
CA CYS A 53 6.30 -6.73 5.90
C CYS A 53 6.27 -8.13 6.53
N ASN A 54 7.44 -8.73 6.72
CA ASN A 54 7.51 -10.13 7.17
C ASN A 54 6.81 -10.36 8.51
N ASN A 55 6.53 -9.28 9.23
CA ASN A 55 5.86 -9.39 10.50
C ASN A 55 4.33 -9.35 10.31
N GLY A 56 3.89 -9.55 9.07
CA GLY A 56 2.47 -9.78 8.80
C GLY A 56 1.77 -8.59 8.19
N ARG A 57 2.50 -7.50 7.97
CA ARG A 57 1.90 -6.27 7.47
C ARG A 57 2.00 -6.18 5.96
N CYS A 58 1.20 -5.32 5.38
CA CYS A 58 1.35 -4.95 3.98
C CYS A 58 1.84 -3.52 3.92
N ILE A 59 2.99 -3.31 3.31
CA ILE A 59 3.54 -1.97 3.19
C ILE A 59 3.59 -1.55 1.74
N ASN A 60 3.90 -0.27 1.49
CA ASN A 60 4.00 0.22 0.13
C ASN A 60 5.31 -0.24 -0.49
N ILE A 61 5.37 -0.29 -1.82
CA ILE A 61 6.57 -0.75 -2.51
C ILE A 61 7.64 0.34 -2.48
N ASN A 62 7.20 1.56 -2.23
CA ASN A 62 8.08 2.73 -2.29
C ASN A 62 8.68 3.07 -0.93
N TRP A 63 9.00 2.06 -0.14
CA TRP A 63 9.60 2.27 1.17
C TRP A 63 11.08 1.90 1.15
N ARG A 64 11.56 1.55 -0.05
CA ARG A 64 12.97 1.28 -0.27
C ARG A 64 13.77 2.57 -0.13
N CYS A 65 14.32 2.83 1.04
CA CYS A 65 15.11 4.05 1.22
C CYS A 65 16.57 3.79 0.94
N ASP A 66 16.94 2.52 0.88
CA ASP A 66 18.32 2.13 0.66
C ASP A 66 18.42 0.65 0.24
N ASN A 67 18.22 -0.26 1.18
CA ASN A 67 18.30 -1.68 0.90
C ASN A 67 16.94 -2.23 0.43
N ASP A 68 16.03 -2.50 1.36
CA ASP A 68 14.75 -3.09 1.02
C ASP A 68 13.61 -2.19 1.50
N ASN A 69 12.45 -2.77 1.81
CA ASN A 69 11.24 -1.99 2.06
C ASN A 69 10.97 -1.88 3.55
N ASP A 70 11.07 -0.65 4.02
CA ASP A 70 11.16 -0.33 5.44
C ASP A 70 10.10 -1.00 6.31
N CYS A 71 10.55 -1.49 7.44
CA CYS A 71 9.69 -2.09 8.46
C CYS A 71 10.28 -1.86 9.84
N GLY A 72 11.52 -2.30 10.02
CA GLY A 72 12.14 -2.25 11.33
C GLY A 72 12.02 -3.57 12.05
N ASP A 73 11.38 -4.55 11.42
CA ASP A 73 11.12 -5.84 12.03
C ASP A 73 12.05 -6.90 11.44
N ASN A 74 13.25 -6.47 11.07
CA ASN A 74 14.26 -7.37 10.48
C ASN A 74 13.77 -7.92 9.14
N SER A 75 12.82 -7.21 8.55
CA SER A 75 12.23 -7.61 7.28
C SER A 75 13.10 -7.13 6.15
N ASP A 76 13.09 -5.83 6.04
CA ASP A 76 13.91 -5.08 5.10
C ASP A 76 15.36 -5.08 5.57
N GLU A 77 15.55 -4.46 6.72
CA GLU A 77 16.86 -4.20 7.31
C GLU A 77 16.76 -3.11 8.36
N ALA A 78 15.69 -2.31 8.25
CA ALA A 78 15.44 -1.17 9.14
C ALA A 78 16.47 -0.08 8.90
N GLY A 79 16.73 0.23 7.64
CA GLY A 79 17.71 1.22 7.28
C GLY A 79 17.12 2.60 7.11
N CYS A 80 15.83 2.68 6.83
CA CYS A 80 15.17 3.95 6.57
C CYS A 80 14.69 4.58 7.87
N SER A 81 13.91 3.85 8.65
CA SER A 81 13.42 4.36 9.93
C SER A 81 14.50 4.32 11.00
N HIS A 82 15.00 5.49 11.36
CA HIS A 82 16.00 5.63 12.42
C HIS A 82 15.67 6.85 13.26
N SER A 1 -9.22 3.72 -18.26
CA SER A 1 -8.83 4.42 -17.02
C SER A 1 -9.83 4.12 -15.91
N ALA A 2 -9.52 4.59 -14.69
CA ALA A 2 -10.43 4.39 -13.56
C ALA A 2 -11.54 5.43 -13.58
N ARG A 3 -11.24 6.58 -12.98
CA ARG A 3 -12.17 7.71 -13.00
C ARG A 3 -11.42 8.99 -12.67
N THR A 4 -10.30 8.86 -11.97
CA THR A 4 -9.45 9.99 -11.63
C THR A 4 -8.02 9.49 -11.47
N CYS A 5 -7.06 10.41 -11.43
CA CYS A 5 -5.64 10.10 -11.19
C CYS A 5 -4.97 9.45 -12.39
N PRO A 6 -3.66 9.75 -12.57
CA PRO A 6 -2.86 9.23 -13.68
C PRO A 6 -2.40 7.79 -13.43
N PRO A 7 -1.68 7.18 -14.40
CA PRO A 7 -1.08 5.86 -14.22
C PRO A 7 -0.14 5.81 -13.02
N ASN A 8 0.01 4.61 -12.43
CA ASN A 8 0.83 4.39 -11.24
C ASN A 8 0.21 5.11 -10.05
N GLN A 9 -1.04 5.50 -10.19
CA GLN A 9 -1.75 6.22 -9.15
C GLN A 9 -3.12 5.60 -8.96
N PHE A 10 -3.74 5.93 -7.86
CA PHE A 10 -5.08 5.48 -7.56
C PHE A 10 -5.90 6.67 -7.08
N SER A 11 -7.18 6.64 -7.42
CA SER A 11 -8.06 7.75 -7.15
C SER A 11 -9.01 7.40 -6.02
N CYS A 12 -8.75 7.98 -4.87
CA CYS A 12 -9.62 7.82 -3.74
C CYS A 12 -10.96 8.50 -4.03
N ALA A 13 -12.03 7.93 -3.49
CA ALA A 13 -13.43 8.30 -3.78
C ALA A 13 -13.60 9.75 -4.22
N SER A 14 -13.68 9.92 -5.55
CA SER A 14 -14.00 11.17 -6.21
C SER A 14 -13.32 12.39 -5.58
N GLY A 15 -12.03 12.55 -5.86
CA GLY A 15 -11.37 13.76 -5.44
C GLY A 15 -9.92 13.56 -5.07
N ARG A 16 -9.63 12.49 -4.34
CA ARG A 16 -8.30 12.31 -3.79
C ARG A 16 -7.43 11.52 -4.76
N CYS A 17 -6.13 11.63 -4.59
CA CYS A 17 -5.19 11.04 -5.52
C CYS A 17 -4.02 10.47 -4.74
N ILE A 18 -3.86 9.17 -4.80
CA ILE A 18 -2.85 8.48 -4.04
C ILE A 18 -2.01 7.63 -4.97
N PRO A 19 -0.75 7.35 -4.65
CA PRO A 19 0.05 6.42 -5.44
C PRO A 19 -0.48 5.00 -5.30
N ILE A 20 -0.80 4.37 -6.42
CA ILE A 20 -1.49 3.08 -6.41
C ILE A 20 -0.69 2.02 -5.67
N SER A 21 -1.39 1.02 -5.14
CA SER A 21 -0.79 -0.04 -4.32
C SER A 21 -0.64 0.43 -2.88
N TRP A 22 -1.28 1.56 -2.59
CA TRP A 22 -1.47 1.99 -1.21
C TRP A 22 -2.86 1.60 -0.71
N THR A 23 -3.61 0.88 -1.54
CA THR A 23 -5.03 0.73 -1.33
C THR A 23 -5.42 -0.70 -0.94
N CYS A 24 -5.97 -1.45 -1.87
CA CYS A 24 -6.50 -2.78 -1.63
C CYS A 24 -5.39 -3.83 -1.53
N ASP A 25 -4.41 -3.58 -0.68
CA ASP A 25 -3.26 -4.47 -0.60
C ASP A 25 -2.51 -4.32 0.74
N LEU A 26 -3.27 -4.14 1.81
CA LEU A 26 -2.75 -4.15 3.19
C LEU A 26 -1.94 -2.89 3.50
N ASP A 27 -2.18 -1.84 2.73
CA ASP A 27 -1.59 -0.54 2.96
C ASP A 27 -2.70 0.40 3.44
N ASP A 28 -2.50 1.71 3.43
CA ASP A 28 -3.55 2.61 3.89
C ASP A 28 -3.59 3.94 3.12
N ASP A 29 -4.73 4.20 2.52
CA ASP A 29 -5.03 5.52 1.98
C ASP A 29 -6.48 5.90 2.31
N CYS A 30 -7.42 5.48 1.49
CA CYS A 30 -8.84 5.61 1.76
C CYS A 30 -9.64 4.86 0.72
N GLY A 31 -9.06 4.72 -0.49
CA GLY A 31 -9.71 4.00 -1.55
C GLY A 31 -11.04 4.59 -1.90
N ASP A 32 -12.08 4.06 -1.28
CA ASP A 32 -13.44 4.54 -1.48
C ASP A 32 -14.20 4.47 -0.18
N ARG A 33 -13.46 4.60 0.91
CA ARG A 33 -13.96 4.36 2.26
C ARG A 33 -14.24 2.86 2.39
N SER A 34 -13.62 2.13 1.50
CA SER A 34 -13.74 0.69 1.41
C SER A 34 -12.47 0.15 0.79
N ASP A 35 -11.40 0.92 0.95
CA ASP A 35 -10.09 0.63 0.35
C ASP A 35 -9.59 -0.77 0.67
N GLU A 36 -10.03 -1.29 1.79
CA GLU A 36 -9.56 -2.59 2.23
C GLU A 36 -10.61 -3.68 2.05
N SER A 37 -10.42 -4.46 0.99
CA SER A 37 -11.14 -5.71 0.76
C SER A 37 -12.63 -5.48 0.48
N ALA A 38 -13.05 -4.23 0.36
CA ALA A 38 -14.46 -3.95 0.11
C ALA A 38 -14.68 -3.30 -1.25
N SER A 39 -13.61 -2.86 -1.87
CA SER A 39 -13.69 -2.26 -3.19
C SER A 39 -13.10 -3.20 -4.24
N CYS A 40 -11.86 -3.61 -4.01
CA CYS A 40 -11.15 -4.45 -4.94
C CYS A 40 -11.34 -5.91 -4.59
N ALA A 41 -11.55 -6.74 -5.61
CA ALA A 41 -11.56 -8.17 -5.41
C ALA A 41 -10.15 -8.65 -5.13
N TYR A 42 -9.80 -8.65 -3.84
CA TYR A 42 -8.46 -8.95 -3.35
C TYR A 42 -7.75 -10.08 -4.09
N PRO A 43 -6.73 -9.73 -4.88
CA PRO A 43 -5.77 -10.68 -5.41
C PRO A 43 -4.62 -10.85 -4.44
N THR A 44 -4.66 -10.03 -3.40
CA THR A 44 -3.68 -10.04 -2.32
C THR A 44 -2.31 -9.55 -2.76
N CYS A 45 -2.07 -8.26 -2.56
CA CYS A 45 -0.74 -7.66 -2.66
C CYS A 45 -0.23 -7.59 -4.09
N PHE A 46 0.31 -6.44 -4.43
CA PHE A 46 0.85 -6.23 -5.76
C PHE A 46 2.11 -5.38 -5.68
N PRO A 47 3.13 -5.71 -6.49
CA PRO A 47 4.40 -4.99 -6.51
C PRO A 47 4.34 -3.67 -7.26
N LEU A 48 3.24 -2.93 -7.11
CA LEU A 48 3.11 -1.62 -7.75
C LEU A 48 3.97 -0.62 -7.01
N THR A 49 3.95 -0.71 -5.68
CA THR A 49 4.78 0.14 -4.84
C THR A 49 4.87 -0.47 -3.43
N GLN A 50 5.08 -1.78 -3.40
CA GLN A 50 5.04 -2.53 -2.15
C GLN A 50 6.32 -3.31 -1.95
N PHE A 51 6.48 -3.83 -0.75
CA PHE A 51 7.54 -4.77 -0.42
C PHE A 51 6.89 -5.94 0.31
N THR A 52 7.55 -7.08 0.35
CA THR A 52 6.96 -8.24 0.98
C THR A 52 7.65 -8.52 2.31
N CYS A 53 7.00 -8.09 3.38
CA CYS A 53 7.46 -8.39 4.73
C CYS A 53 7.58 -9.91 4.88
N ASN A 54 8.76 -10.38 5.26
CA ASN A 54 9.06 -11.80 5.28
C ASN A 54 8.12 -12.57 6.23
N ASN A 55 7.61 -11.88 7.25
CA ASN A 55 6.69 -12.50 8.20
C ASN A 55 5.25 -12.56 7.69
N GLY A 56 5.07 -12.43 6.37
CA GLY A 56 3.77 -12.71 5.77
C GLY A 56 3.01 -11.46 5.35
N ARG A 57 3.50 -10.29 5.73
CA ARG A 57 2.81 -9.05 5.40
C ARG A 57 3.29 -8.50 4.07
N CYS A 58 2.47 -7.70 3.43
CA CYS A 58 2.90 -6.90 2.31
C CYS A 58 2.93 -5.45 2.75
N ILE A 59 4.10 -4.83 2.71
CA ILE A 59 4.23 -3.48 3.20
C ILE A 59 4.45 -2.50 2.06
N ASN A 60 4.49 -1.22 2.38
CA ASN A 60 4.72 -0.17 1.39
C ASN A 60 6.20 -0.14 1.01
N ILE A 61 6.49 0.12 -0.27
CA ILE A 61 7.88 0.14 -0.72
C ILE A 61 8.59 1.40 -0.24
N ASN A 62 7.80 2.42 0.10
CA ASN A 62 8.34 3.72 0.46
C ASN A 62 8.69 3.76 1.94
N TRP A 63 8.93 2.60 2.52
CA TRP A 63 9.34 2.53 3.92
C TRP A 63 10.83 2.17 4.00
N ARG A 64 11.51 2.21 2.85
CA ARG A 64 12.97 2.15 2.80
C ARG A 64 13.48 3.52 3.21
N CYS A 65 13.93 3.68 4.45
CA CYS A 65 14.25 5.01 4.96
C CYS A 65 15.74 5.24 5.15
N ASP A 66 16.24 4.77 6.28
CA ASP A 66 17.60 5.08 6.71
C ASP A 66 18.63 4.19 6.04
N ASN A 67 18.35 2.90 5.98
CA ASN A 67 19.24 1.96 5.31
C ASN A 67 18.43 1.05 4.39
N ASP A 68 17.45 0.37 4.95
CA ASP A 68 16.55 -0.43 4.14
C ASP A 68 15.11 -0.11 4.53
N ASN A 69 14.28 -1.13 4.71
CA ASN A 69 12.82 -0.96 4.78
C ASN A 69 12.37 -1.05 6.25
N ASP A 70 11.08 -1.29 6.48
CA ASP A 70 10.54 -1.21 7.83
C ASP A 70 9.42 -2.22 8.05
N CYS A 71 9.63 -3.13 8.98
CA CYS A 71 8.63 -4.11 9.37
C CYS A 71 8.54 -4.25 10.88
N GLY A 72 9.66 -4.62 11.50
CA GLY A 72 9.70 -4.75 12.94
C GLY A 72 10.35 -6.04 13.39
N ASP A 73 10.02 -7.15 12.75
CA ASP A 73 10.45 -8.45 13.21
C ASP A 73 11.43 -9.11 12.26
N ASN A 74 12.64 -8.56 12.24
CA ASN A 74 13.79 -9.18 11.56
C ASN A 74 13.53 -9.39 10.07
N SER A 75 12.82 -8.47 9.47
CA SER A 75 12.55 -8.53 8.04
C SER A 75 13.65 -7.78 7.28
N ASP A 76 13.24 -6.81 6.49
CA ASP A 76 14.12 -5.87 5.80
C ASP A 76 15.16 -5.30 6.75
N GLU A 77 14.68 -4.60 7.77
CA GLU A 77 15.53 -3.91 8.72
C GLU A 77 14.71 -3.38 9.88
N ALA A 78 13.77 -2.50 9.54
CA ALA A 78 12.99 -1.75 10.51
C ALA A 78 13.85 -0.77 11.31
N GLY A 79 14.14 0.36 10.70
CA GLY A 79 14.92 1.40 11.37
C GLY A 79 14.33 2.78 11.13
N CYS A 80 13.17 2.80 10.47
CA CYS A 80 12.51 4.04 10.10
C CYS A 80 11.48 4.44 11.15
N SER A 81 11.05 3.45 11.94
CA SER A 81 10.07 3.67 12.99
C SER A 81 10.70 4.45 14.15
N HIS A 82 10.14 5.62 14.44
CA HIS A 82 10.69 6.50 15.46
C HIS A 82 9.58 7.07 16.34
N SER A 1 -7.42 5.68 -13.62
CA SER A 1 -7.44 5.37 -15.07
C SER A 1 -7.85 6.60 -15.88
N ALA A 2 -9.15 6.91 -15.89
CA ALA A 2 -9.67 8.09 -16.56
C ALA A 2 -10.79 8.69 -15.73
N ARG A 3 -10.78 10.01 -15.57
CA ARG A 3 -11.67 10.71 -14.64
C ARG A 3 -11.29 10.38 -13.20
N THR A 4 -11.42 9.11 -12.86
CA THR A 4 -11.05 8.61 -11.56
C THR A 4 -9.54 8.42 -11.49
N CYS A 5 -8.81 9.54 -11.41
CA CYS A 5 -7.35 9.55 -11.29
C CYS A 5 -6.69 9.11 -12.61
N PRO A 6 -5.44 9.54 -12.87
CA PRO A 6 -4.66 9.14 -14.06
C PRO A 6 -4.54 7.62 -14.22
N PRO A 7 -3.97 7.14 -15.35
CA PRO A 7 -3.82 5.70 -15.65
C PRO A 7 -3.33 4.87 -14.45
N ASN A 8 -2.12 5.15 -13.98
CA ASN A 8 -1.53 4.40 -12.87
C ASN A 8 -1.99 5.00 -11.54
N GLN A 9 -3.18 5.58 -11.53
CA GLN A 9 -3.70 6.23 -10.35
C GLN A 9 -5.12 5.77 -10.05
N PHE A 10 -5.50 5.94 -8.79
CA PHE A 10 -6.78 5.55 -8.27
C PHE A 10 -7.34 6.66 -7.40
N SER A 11 -8.59 7.00 -7.59
CA SER A 11 -9.22 8.05 -6.83
C SER A 11 -10.17 7.49 -5.79
N CYS A 12 -9.87 7.80 -4.53
CA CYS A 12 -10.83 7.55 -3.46
C CYS A 12 -12.11 8.30 -3.78
N ALA A 13 -13.24 7.76 -3.30
CA ALA A 13 -14.60 8.14 -3.74
C ALA A 13 -14.71 9.57 -4.31
N SER A 14 -14.52 9.64 -5.64
CA SER A 14 -14.61 10.87 -6.44
C SER A 14 -14.22 12.12 -5.65
N GLY A 15 -12.94 12.30 -5.41
CA GLY A 15 -12.47 13.47 -4.70
C GLY A 15 -10.98 13.41 -4.46
N ARG A 16 -10.52 12.25 -4.03
CA ARG A 16 -9.09 12.05 -3.77
C ARG A 16 -8.44 11.52 -5.04
N CYS A 17 -7.15 11.27 -5.01
CA CYS A 17 -6.43 10.81 -6.20
C CYS A 17 -5.05 10.32 -5.81
N ILE A 18 -4.95 9.00 -5.61
CA ILE A 18 -3.71 8.38 -5.20
C ILE A 18 -3.19 7.49 -6.33
N PRO A 19 -1.93 7.04 -6.28
CA PRO A 19 -1.42 6.05 -7.23
C PRO A 19 -2.00 4.66 -6.98
N ILE A 20 -2.27 3.91 -8.05
CA ILE A 20 -2.78 2.53 -7.95
C ILE A 20 -1.86 1.70 -7.05
N SER A 21 -0.60 2.06 -7.08
CA SER A 21 0.47 1.39 -6.36
C SER A 21 0.24 1.34 -4.84
N TRP A 22 -0.76 2.07 -4.37
CA TRP A 22 -0.99 2.23 -2.93
C TRP A 22 -2.13 1.36 -2.43
N THR A 23 -3.12 1.17 -3.29
CA THR A 23 -4.39 0.50 -2.94
C THR A 23 -4.20 -0.62 -1.92
N CYS A 24 -3.48 -1.62 -2.32
CA CYS A 24 -3.12 -2.72 -1.48
C CYS A 24 -1.78 -2.45 -0.77
N ASP A 25 -1.79 -1.64 0.30
CA ASP A 25 -0.57 -1.43 1.09
C ASP A 25 -0.89 -1.32 2.60
N LEU A 26 -2.16 -1.62 2.92
CA LEU A 26 -2.65 -1.79 4.30
C LEU A 26 -3.21 -0.50 4.92
N ASP A 27 -4.44 -0.18 4.46
CA ASP A 27 -5.33 0.79 5.13
C ASP A 27 -5.00 2.26 4.80
N ASP A 28 -5.50 3.16 5.67
CA ASP A 28 -5.30 4.62 5.59
C ASP A 28 -6.06 5.27 4.44
N ASP A 29 -5.94 4.74 3.23
CA ASP A 29 -6.62 5.32 2.06
C ASP A 29 -8.11 4.95 2.07
N CYS A 30 -8.83 5.24 0.97
CA CYS A 30 -10.26 4.99 0.97
C CYS A 30 -10.84 4.63 -0.41
N GLY A 31 -10.41 3.51 -0.95
CA GLY A 31 -11.07 2.98 -2.13
C GLY A 31 -12.44 2.45 -1.79
N ASP A 32 -12.57 1.99 -0.56
CA ASP A 32 -13.83 1.47 -0.02
C ASP A 32 -13.98 1.90 1.44
N ARG A 33 -12.84 1.86 2.12
CA ARG A 33 -12.70 2.22 3.52
C ARG A 33 -11.23 2.07 3.87
N SER A 34 -10.65 1.03 3.29
CA SER A 34 -9.23 0.72 3.45
C SER A 34 -8.65 0.21 2.12
N ASP A 35 -9.47 0.30 1.05
CA ASP A 35 -9.07 -0.06 -0.32
C ASP A 35 -9.00 -1.56 -0.54
N GLU A 36 -8.81 -2.29 0.53
CA GLU A 36 -8.40 -3.68 0.43
C GLU A 36 -9.53 -4.63 0.75
N SER A 37 -10.73 -4.22 0.40
CA SER A 37 -11.86 -5.13 0.39
C SER A 37 -12.60 -5.06 -0.94
N ALA A 38 -12.16 -4.13 -1.80
CA ALA A 38 -12.78 -3.96 -3.11
C ALA A 38 -11.77 -4.01 -4.25
N SER A 39 -10.51 -3.68 -3.98
CA SER A 39 -9.50 -3.77 -5.02
C SER A 39 -8.57 -4.94 -4.74
N CYS A 40 -7.99 -4.97 -3.55
CA CYS A 40 -7.08 -6.03 -3.19
C CYS A 40 -7.83 -7.13 -2.44
N ALA A 41 -7.61 -8.38 -2.83
CA ALA A 41 -8.24 -9.51 -2.16
C ALA A 41 -7.29 -10.11 -1.14
N TYR A 42 -6.06 -9.62 -1.13
CA TYR A 42 -4.98 -10.13 -0.27
C TYR A 42 -4.88 -11.66 -0.30
N PRO A 43 -4.69 -12.27 -1.49
CA PRO A 43 -4.54 -13.70 -1.62
C PRO A 43 -3.06 -14.12 -1.65
N THR A 44 -2.18 -13.13 -1.74
CA THR A 44 -0.76 -13.36 -1.91
C THR A 44 -0.02 -12.02 -1.90
N CYS A 45 -0.53 -11.09 -1.10
CA CYS A 45 -0.08 -9.69 -1.13
C CYS A 45 -0.40 -9.11 -2.51
N PHE A 46 0.34 -8.10 -2.94
CA PHE A 46 0.03 -7.46 -4.22
C PHE A 46 1.30 -7.18 -5.01
N PRO A 47 1.34 -7.64 -6.27
CA PRO A 47 2.53 -7.54 -7.13
C PRO A 47 2.66 -6.20 -7.86
N LEU A 48 1.96 -5.17 -7.40
CA LEU A 48 2.12 -3.83 -7.99
C LEU A 48 3.46 -3.25 -7.60
N THR A 49 3.71 -3.22 -6.30
CA THR A 49 4.85 -2.54 -5.75
C THR A 49 4.82 -2.67 -4.23
N GLN A 50 5.46 -3.71 -3.72
CA GLN A 50 5.30 -4.10 -2.34
C GLN A 50 6.53 -4.78 -1.80
N PHE A 51 6.62 -4.79 -0.49
CA PHE A 51 7.62 -5.55 0.23
C PHE A 51 6.88 -6.45 1.21
N THR A 52 7.33 -7.67 1.38
CA THR A 52 6.60 -8.59 2.23
C THR A 52 7.32 -8.81 3.54
N CYS A 53 6.77 -8.24 4.61
CA CYS A 53 7.26 -8.54 5.95
C CYS A 53 7.24 -10.05 6.20
N ASN A 54 8.26 -10.55 6.89
CA ASN A 54 8.45 -12.01 7.06
C ASN A 54 7.28 -12.66 7.78
N ASN A 55 6.58 -11.89 8.60
CA ASN A 55 5.38 -12.39 9.30
C ASN A 55 4.30 -12.77 8.31
N GLY A 56 4.38 -12.25 7.09
CA GLY A 56 3.40 -12.54 6.08
C GLY A 56 2.55 -11.32 5.78
N ARG A 57 2.89 -10.19 6.38
CA ARG A 57 2.16 -8.96 6.16
C ARG A 57 2.82 -8.22 5.00
N CYS A 58 2.03 -7.53 4.20
CA CYS A 58 2.54 -6.94 2.99
C CYS A 58 2.63 -5.44 3.15
N ILE A 59 3.84 -4.91 3.02
CA ILE A 59 4.02 -3.48 3.20
C ILE A 59 4.31 -2.81 1.86
N ASN A 60 4.12 -1.50 1.83
CA ASN A 60 4.34 -0.72 0.61
C ASN A 60 5.84 -0.59 0.34
N ILE A 61 6.24 -0.72 -0.92
CA ILE A 61 7.65 -0.68 -1.29
C ILE A 61 8.23 0.73 -1.09
N ASN A 62 7.35 1.70 -0.96
CA ASN A 62 7.74 3.11 -0.87
C ASN A 62 8.16 3.47 0.55
N TRP A 63 8.46 2.46 1.37
CA TRP A 63 8.85 2.70 2.75
C TRP A 63 10.35 2.44 2.94
N ARG A 64 11.07 2.39 1.83
CA ARG A 64 12.53 2.35 1.88
C ARG A 64 13.03 3.71 2.37
N CYS A 65 13.17 3.87 3.68
CA CYS A 65 13.51 5.16 4.25
C CYS A 65 14.99 5.48 4.09
N ASP A 66 15.82 4.59 4.55
CA ASP A 66 17.26 4.80 4.56
C ASP A 66 17.98 3.83 3.62
N ASN A 67 17.72 2.55 3.82
CA ASN A 67 18.36 1.51 3.04
C ASN A 67 17.34 0.46 2.64
N ASP A 68 16.64 -0.12 3.62
CA ASP A 68 15.66 -1.13 3.31
C ASP A 68 14.25 -0.58 3.54
N ASN A 69 13.27 -1.45 3.71
CA ASN A 69 11.87 -1.06 3.62
C ASN A 69 11.17 -1.13 4.97
N ASP A 70 10.79 0.05 5.50
CA ASP A 70 10.09 0.19 6.79
C ASP A 70 9.09 -0.93 7.03
N CYS A 71 9.50 -1.88 7.84
CA CYS A 71 8.68 -3.03 8.14
C CYS A 71 8.72 -3.32 9.63
N GLY A 72 9.92 -3.43 10.19
CA GLY A 72 10.06 -3.67 11.61
C GLY A 72 9.88 -5.13 11.98
N ASP A 73 9.67 -5.97 10.98
CA ASP A 73 9.42 -7.37 11.20
C ASP A 73 10.49 -8.22 10.53
N ASN A 74 11.66 -8.23 11.16
CA ASN A 74 12.78 -9.12 10.79
C ASN A 74 13.33 -8.83 9.39
N SER A 75 12.73 -7.87 8.72
CA SER A 75 13.04 -7.59 7.32
C SER A 75 14.10 -6.53 7.15
N ASP A 76 13.63 -5.31 7.07
CA ASP A 76 14.43 -4.12 6.81
C ASP A 76 15.58 -3.98 7.79
N GLU A 77 15.20 -3.78 9.04
CA GLU A 77 16.14 -3.42 10.12
C GLU A 77 15.39 -3.20 11.43
N ALA A 78 14.10 -2.87 11.32
CA ALA A 78 13.22 -2.71 12.48
C ALA A 78 13.68 -1.58 13.41
N GLY A 79 14.34 -0.58 12.88
CA GLY A 79 14.82 0.52 13.71
C GLY A 79 14.56 1.89 13.12
N CYS A 80 14.27 1.94 11.82
CA CYS A 80 14.02 3.21 11.13
C CYS A 80 12.76 3.89 11.67
N SER A 81 11.68 3.14 11.79
CA SER A 81 10.42 3.69 12.28
C SER A 81 10.32 3.61 13.80
N HIS A 82 10.19 4.78 14.42
CA HIS A 82 10.04 4.85 15.87
C HIS A 82 9.17 6.04 16.26
N SER A 1 -8.16 9.48 -18.14
CA SER A 1 -7.69 8.11 -17.83
C SER A 1 -8.87 7.14 -17.86
N ALA A 2 -8.63 5.87 -17.55
CA ALA A 2 -9.69 4.87 -17.46
C ALA A 2 -10.38 4.98 -16.10
N ARG A 3 -10.07 6.04 -15.39
CA ARG A 3 -10.58 6.29 -14.06
C ARG A 3 -10.31 7.75 -13.72
N THR A 4 -10.84 8.22 -12.60
CA THR A 4 -10.65 9.61 -12.19
C THR A 4 -9.17 9.96 -12.07
N CYS A 5 -8.45 9.13 -11.35
CA CYS A 5 -7.02 9.33 -11.17
C CYS A 5 -6.22 8.49 -12.17
N PRO A 6 -5.04 8.99 -12.58
CA PRO A 6 -4.16 8.29 -13.53
C PRO A 6 -3.74 6.90 -13.06
N PRO A 7 -3.23 6.05 -13.98
CA PRO A 7 -2.87 4.66 -13.67
C PRO A 7 -1.80 4.53 -12.57
N ASN A 8 -0.94 5.54 -12.44
CA ASN A 8 0.16 5.49 -11.48
C ASN A 8 -0.33 5.89 -10.09
N GLN A 9 -1.63 6.07 -9.97
CA GLN A 9 -2.26 6.41 -8.71
C GLN A 9 -3.67 5.85 -8.65
N PHE A 10 -4.42 6.22 -7.64
CA PHE A 10 -5.74 5.66 -7.41
C PHE A 10 -6.70 6.75 -6.94
N SER A 11 -7.94 6.62 -7.33
CA SER A 11 -8.94 7.61 -7.01
C SER A 11 -9.91 7.08 -5.98
N CYS A 12 -9.87 7.64 -4.79
CA CYS A 12 -10.90 7.37 -3.81
C CYS A 12 -12.22 7.80 -4.42
N ALA A 13 -13.31 7.10 -4.06
CA ALA A 13 -14.58 7.07 -4.82
C ALA A 13 -14.79 8.30 -5.70
N SER A 14 -14.22 8.20 -6.92
CA SER A 14 -14.23 9.24 -7.96
C SER A 14 -14.34 10.66 -7.39
N GLY A 15 -13.29 11.08 -6.70
CA GLY A 15 -13.24 12.41 -6.15
C GLY A 15 -11.90 12.73 -5.53
N ARG A 16 -11.39 11.79 -4.75
CA ARG A 16 -10.08 11.94 -4.14
C ARG A 16 -9.03 11.33 -5.06
N CYS A 17 -7.76 11.57 -4.76
CA CYS A 17 -6.67 11.12 -5.62
C CYS A 17 -5.45 10.77 -4.78
N ILE A 18 -5.22 9.48 -4.60
CA ILE A 18 -4.11 9.00 -3.82
C ILE A 18 -3.15 8.25 -4.74
N PRO A 19 -1.92 7.95 -4.31
CA PRO A 19 -1.00 7.12 -5.10
C PRO A 19 -1.47 5.67 -5.18
N ILE A 20 -1.00 4.92 -6.17
CA ILE A 20 -1.44 3.55 -6.36
C ILE A 20 -0.66 2.59 -5.47
N SER A 21 -1.21 1.39 -5.27
CA SER A 21 -0.65 0.38 -4.37
C SER A 21 -0.86 0.82 -2.92
N TRP A 22 -1.79 1.75 -2.77
CA TRP A 22 -2.29 2.16 -1.45
C TRP A 22 -3.68 1.59 -1.24
N THR A 23 -4.14 0.83 -2.22
CA THR A 23 -5.50 0.38 -2.28
C THR A 23 -5.73 -0.88 -1.46
N CYS A 24 -6.22 -1.90 -2.15
CA CYS A 24 -6.40 -3.23 -1.62
C CYS A 24 -5.06 -3.86 -1.22
N ASP A 25 -4.50 -3.41 -0.11
CA ASP A 25 -3.22 -3.91 0.35
C ASP A 25 -3.05 -3.73 1.86
N LEU A 26 -4.18 -3.80 2.57
CA LEU A 26 -4.20 -3.89 4.03
C LEU A 26 -4.05 -2.55 4.73
N ASP A 27 -4.35 -1.45 4.05
CA ASP A 27 -4.37 -0.15 4.70
C ASP A 27 -5.71 0.54 4.47
N ASP A 28 -6.00 1.54 5.28
CA ASP A 28 -7.34 2.11 5.33
C ASP A 28 -7.42 3.39 4.51
N ASP A 29 -7.58 3.22 3.20
CA ASP A 29 -7.87 4.35 2.31
C ASP A 29 -9.35 4.36 1.97
N CYS A 30 -9.68 4.58 0.70
CA CYS A 30 -11.06 4.63 0.30
C CYS A 30 -11.14 4.65 -1.21
N GLY A 31 -12.23 4.13 -1.71
CA GLY A 31 -12.47 4.03 -3.13
C GLY A 31 -13.77 3.32 -3.34
N ASP A 32 -13.99 2.36 -2.45
CA ASP A 32 -15.28 1.69 -2.34
C ASP A 32 -15.93 2.06 -1.01
N ARG A 33 -15.09 2.22 0.00
CA ARG A 33 -15.51 2.54 1.35
C ARG A 33 -14.26 2.72 2.21
N SER A 34 -13.51 1.63 2.34
CA SER A 34 -12.25 1.62 3.08
C SER A 34 -11.14 1.03 2.20
N ASP A 35 -11.51 0.73 0.96
CA ASP A 35 -10.58 0.23 -0.06
C ASP A 35 -10.09 -1.16 0.29
N GLU A 36 -10.93 -1.92 0.98
CA GLU A 36 -10.65 -3.30 1.32
C GLU A 36 -11.87 -4.19 1.11
N SER A 37 -12.49 -4.05 -0.06
CA SER A 37 -13.63 -4.89 -0.41
C SER A 37 -13.73 -5.12 -1.93
N ALA A 38 -13.86 -4.03 -2.69
CA ALA A 38 -14.15 -4.09 -4.12
C ALA A 38 -13.16 -4.95 -4.90
N SER A 39 -11.91 -4.52 -4.97
CA SER A 39 -10.91 -5.20 -5.79
C SER A 39 -9.92 -5.96 -4.91
N CYS A 40 -10.19 -5.94 -3.62
CA CYS A 40 -9.27 -6.44 -2.63
C CYS A 40 -9.39 -7.94 -2.39
N ALA A 41 -9.58 -8.68 -3.47
CA ALA A 41 -9.53 -10.14 -3.39
C ALA A 41 -8.12 -10.61 -3.69
N TYR A 42 -7.21 -10.36 -2.76
CA TYR A 42 -5.80 -10.58 -3.00
C TYR A 42 -5.21 -11.64 -2.07
N PRO A 43 -4.40 -12.55 -2.62
CA PRO A 43 -3.58 -13.47 -1.85
C PRO A 43 -2.13 -13.00 -1.77
N THR A 44 -1.89 -11.74 -2.14
CA THR A 44 -0.53 -11.23 -2.25
C THR A 44 -0.48 -9.73 -1.95
N CYS A 45 -1.51 -9.21 -1.29
CA CYS A 45 -1.65 -7.76 -1.11
C CYS A 45 -1.64 -7.07 -2.47
N PHE A 46 -0.75 -6.10 -2.67
CA PHE A 46 -0.71 -5.40 -3.94
C PHE A 46 0.71 -5.37 -4.51
N PRO A 47 0.91 -6.07 -5.63
CA PRO A 47 2.24 -6.17 -6.27
C PRO A 47 2.55 -4.97 -7.17
N LEU A 48 2.09 -3.79 -6.78
CA LEU A 48 2.32 -2.59 -7.57
C LEU A 48 3.56 -1.84 -7.11
N THR A 49 3.59 -1.45 -5.84
CA THR A 49 4.73 -0.75 -5.30
C THR A 49 4.66 -0.69 -3.76
N GLN A 50 5.17 -1.75 -3.14
CA GLN A 50 5.13 -1.87 -1.69
C GLN A 50 6.02 -3.03 -1.23
N PHE A 51 5.93 -3.38 0.05
CA PHE A 51 6.73 -4.46 0.63
C PHE A 51 5.89 -5.23 1.64
N THR A 52 6.27 -6.46 1.95
CA THR A 52 5.50 -7.28 2.88
C THR A 52 6.22 -7.42 4.23
N CYS A 53 5.66 -6.78 5.26
CA CYS A 53 6.20 -6.88 6.60
C CYS A 53 6.00 -8.28 7.17
N ASN A 54 6.99 -8.75 7.95
CA ASN A 54 6.92 -10.09 8.53
C ASN A 54 5.90 -10.14 9.66
N ASN A 55 5.39 -8.96 10.03
CA ASN A 55 4.30 -8.86 11.00
C ASN A 55 3.04 -9.48 10.41
N GLY A 56 3.10 -9.80 9.11
CA GLY A 56 1.95 -10.33 8.42
C GLY A 56 1.26 -9.25 7.62
N ARG A 57 1.69 -8.02 7.84
CA ARG A 57 1.09 -6.88 7.19
C ARG A 57 1.84 -6.55 5.91
N CYS A 58 1.22 -5.79 5.04
CA CYS A 58 1.93 -5.28 3.89
C CYS A 58 2.15 -3.79 4.05
N ILE A 59 3.36 -3.35 3.78
CA ILE A 59 3.77 -1.98 4.02
C ILE A 59 4.12 -1.28 2.71
N ASN A 60 4.40 0.00 2.77
CA ASN A 60 4.75 0.75 1.57
C ASN A 60 6.24 0.59 1.28
N ILE A 61 6.62 0.69 0.00
CA ILE A 61 7.99 0.43 -0.44
C ILE A 61 8.92 1.61 -0.14
N ASN A 62 8.41 2.65 0.50
CA ASN A 62 9.20 3.84 0.76
C ASN A 62 9.80 3.78 2.18
N TRP A 63 9.97 2.57 2.70
CA TRP A 63 10.52 2.38 4.04
C TRP A 63 11.93 1.79 3.94
N ARG A 64 12.43 1.75 2.72
CA ARG A 64 13.83 1.43 2.46
C ARG A 64 14.72 2.44 3.17
N CYS A 65 15.13 2.12 4.38
CA CYS A 65 15.89 3.07 5.21
C CYS A 65 17.34 3.13 4.75
N ASP A 66 17.88 1.97 4.46
CA ASP A 66 19.30 1.84 4.15
C ASP A 66 19.55 0.57 3.33
N ASN A 67 19.19 -0.58 3.87
CA ASN A 67 19.36 -1.84 3.17
C ASN A 67 18.13 -2.15 2.33
N ASP A 68 17.10 -2.64 2.99
CA ASP A 68 15.86 -2.97 2.32
C ASP A 68 14.71 -2.19 2.99
N ASN A 69 13.54 -2.79 3.11
CA ASN A 69 12.36 -2.03 3.49
C ASN A 69 11.95 -2.28 4.93
N ASP A 70 11.83 -1.19 5.68
CA ASP A 70 11.58 -1.19 7.14
C ASP A 70 10.22 -1.76 7.53
N CYS A 71 9.75 -1.39 8.72
CA CYS A 71 8.40 -1.72 9.20
C CYS A 71 8.23 -1.32 10.66
N GLY A 72 9.30 -1.43 11.42
CA GLY A 72 9.21 -1.25 12.86
C GLY A 72 8.86 -2.54 13.56
N ASP A 73 8.85 -3.62 12.79
CA ASP A 73 8.54 -4.94 13.29
C ASP A 73 9.71 -5.87 13.05
N ASN A 74 9.86 -6.31 11.79
CA ASN A 74 10.94 -7.23 11.40
C ASN A 74 10.84 -7.52 9.91
N SER A 75 10.95 -6.48 9.09
CA SER A 75 10.89 -6.66 7.65
C SER A 75 12.27 -6.84 7.04
N ASP A 76 12.84 -5.75 6.58
CA ASP A 76 14.20 -5.72 6.08
C ASP A 76 15.13 -6.30 7.13
N GLU A 77 15.12 -5.63 8.27
CA GLU A 77 15.88 -6.04 9.42
C GLU A 77 14.98 -6.11 10.64
N ALA A 78 14.24 -5.03 10.85
CA ALA A 78 13.26 -4.90 11.91
C ALA A 78 12.74 -3.48 11.96
N GLY A 79 13.65 -2.54 12.16
CA GLY A 79 13.30 -1.15 12.32
C GLY A 79 14.52 -0.25 12.37
N CYS A 80 14.81 0.39 11.25
CA CYS A 80 15.94 1.30 11.13
C CYS A 80 15.65 2.63 11.84
N SER A 81 14.40 2.80 12.23
CA SER A 81 13.98 4.01 12.91
C SER A 81 14.05 3.83 14.43
N HIS A 82 15.10 4.40 15.02
CA HIS A 82 15.31 4.38 16.48
C HIS A 82 15.71 2.99 16.97
N SER A 1 -19.75 8.24 -21.14
CA SER A 1 -18.54 7.63 -20.54
C SER A 1 -18.54 7.83 -19.03
N ALA A 2 -17.68 7.10 -18.33
CA ALA A 2 -17.59 7.19 -16.88
C ALA A 2 -16.41 8.06 -16.48
N ARG A 3 -16.25 8.28 -15.17
CA ARG A 3 -15.16 9.08 -14.64
C ARG A 3 -14.73 8.55 -13.28
N THR A 4 -13.43 8.49 -13.04
CA THR A 4 -12.90 8.01 -11.78
C THR A 4 -11.64 8.76 -11.36
N CYS A 5 -10.51 8.30 -11.87
CA CYS A 5 -9.21 8.83 -11.51
C CYS A 5 -8.23 8.48 -12.64
N PRO A 6 -7.12 9.24 -12.82
CA PRO A 6 -6.18 9.02 -13.92
C PRO A 6 -5.52 7.63 -13.86
N PRO A 7 -4.79 7.23 -14.93
CA PRO A 7 -4.07 5.96 -14.96
C PRO A 7 -3.11 5.82 -13.78
N ASN A 8 -3.12 4.63 -13.17
CA ASN A 8 -2.27 4.34 -11.99
C ASN A 8 -2.79 5.09 -10.77
N GLN A 9 -4.01 5.58 -10.86
CA GLN A 9 -4.63 6.33 -9.79
C GLN A 9 -5.98 5.74 -9.44
N PHE A 10 -6.32 5.83 -8.18
CA PHE A 10 -7.58 5.34 -7.67
C PHE A 10 -8.29 6.45 -6.93
N SER A 11 -9.59 6.58 -7.14
CA SER A 11 -10.34 7.68 -6.63
C SER A 11 -11.19 7.26 -5.45
N CYS A 12 -10.97 7.89 -4.31
CA CYS A 12 -11.86 7.71 -3.18
C CYS A 12 -13.22 8.20 -3.59
N ALA A 13 -14.25 7.43 -3.24
CA ALA A 13 -15.63 7.58 -3.73
C ALA A 13 -15.95 8.98 -4.25
N SER A 14 -15.85 9.12 -5.57
CA SER A 14 -16.21 10.33 -6.31
C SER A 14 -15.74 11.61 -5.63
N GLY A 15 -14.48 11.94 -5.86
CA GLY A 15 -13.98 13.22 -5.40
C GLY A 15 -12.49 13.22 -5.13
N ARG A 16 -11.99 12.15 -4.54
CA ARG A 16 -10.59 12.07 -4.18
C ARG A 16 -9.82 11.40 -5.31
N CYS A 17 -8.52 11.23 -5.15
CA CYS A 17 -7.68 10.65 -6.20
C CYS A 17 -6.30 10.36 -5.65
N ILE A 18 -6.09 9.12 -5.25
CA ILE A 18 -4.82 8.69 -4.70
C ILE A 18 -4.16 7.72 -5.68
N PRO A 19 -2.83 7.63 -5.69
CA PRO A 19 -2.14 6.67 -6.55
C PRO A 19 -2.42 5.23 -6.10
N ILE A 20 -2.54 4.31 -7.04
CA ILE A 20 -2.83 2.92 -6.70
C ILE A 20 -1.57 2.21 -6.20
N SER A 21 -1.11 2.66 -5.07
CA SER A 21 -0.03 2.01 -4.36
C SER A 21 -0.29 2.20 -2.87
N TRP A 22 -1.46 2.75 -2.61
CA TRP A 22 -1.80 3.23 -1.27
C TRP A 22 -2.85 2.35 -0.60
N THR A 23 -3.77 1.84 -1.39
CA THR A 23 -4.89 1.07 -0.87
C THR A 23 -4.45 -0.18 -0.12
N CYS A 24 -3.27 -0.67 -0.47
CA CYS A 24 -2.66 -1.81 0.18
C CYS A 24 -1.60 -1.42 1.23
N ASP A 25 -1.52 -0.13 1.59
CA ASP A 25 -0.42 0.37 2.44
C ASP A 25 -0.58 -0.04 3.89
N LEU A 26 -1.84 -0.15 4.32
CA LEU A 26 -2.20 -0.30 5.72
C LEU A 26 -1.91 1.01 6.46
N ASP A 27 -1.89 2.11 5.71
CA ASP A 27 -1.62 3.42 6.26
C ASP A 27 -2.80 4.36 6.01
N ASP A 28 -2.72 5.57 6.53
CA ASP A 28 -3.87 6.48 6.60
C ASP A 28 -4.25 7.06 5.23
N ASP A 29 -5.21 6.44 4.59
CA ASP A 29 -5.81 6.98 3.37
C ASP A 29 -7.34 6.83 3.46
N CYS A 30 -8.00 6.77 2.32
CA CYS A 30 -9.42 6.47 2.29
C CYS A 30 -9.68 5.34 1.31
N GLY A 31 -9.02 5.40 0.15
CA GLY A 31 -9.32 4.50 -0.94
C GLY A 31 -10.78 4.59 -1.36
N ASP A 32 -11.62 3.98 -0.57
CA ASP A 32 -13.06 4.08 -0.73
C ASP A 32 -13.67 3.99 0.65
N ARG A 33 -13.28 4.93 1.51
CA ARG A 33 -13.67 4.91 2.93
C ARG A 33 -12.94 3.78 3.67
N SER A 34 -12.83 2.63 3.01
CA SER A 34 -12.10 1.49 3.55
C SER A 34 -11.33 0.79 2.44
N ASP A 35 -10.21 1.39 2.06
CA ASP A 35 -9.34 0.83 1.03
C ASP A 35 -8.54 -0.34 1.58
N GLU A 36 -8.53 -0.45 2.89
CA GLU A 36 -7.73 -1.45 3.56
C GLU A 36 -8.61 -2.60 4.00
N SER A 37 -9.17 -3.26 2.99
CA SER A 37 -9.99 -4.44 3.18
C SER A 37 -10.45 -4.99 1.83
N ALA A 38 -11.32 -4.25 1.16
CA ALA A 38 -11.94 -4.72 -0.07
C ALA A 38 -11.32 -4.08 -1.31
N SER A 39 -10.18 -3.42 -1.16
CA SER A 39 -9.56 -2.78 -2.30
C SER A 39 -8.30 -3.51 -2.77
N CYS A 40 -7.45 -3.95 -1.83
CA CYS A 40 -6.24 -4.66 -2.22
C CYS A 40 -6.48 -6.17 -2.32
N ALA A 41 -7.41 -6.67 -1.48
CA ALA A 41 -7.70 -8.12 -1.39
C ALA A 41 -6.55 -8.88 -0.74
N TYR A 42 -5.36 -8.34 -0.91
CA TYR A 42 -4.14 -8.85 -0.27
C TYR A 42 -3.82 -10.29 -0.67
N PRO A 43 -3.51 -10.54 -1.95
CA PRO A 43 -3.00 -11.84 -2.39
C PRO A 43 -1.61 -12.06 -1.84
N THR A 44 -0.91 -10.95 -1.67
CA THR A 44 0.41 -10.94 -1.08
C THR A 44 0.68 -9.56 -0.48
N CYS A 45 -0.42 -8.82 -0.37
CA CYS A 45 -0.38 -7.38 -0.10
C CYS A 45 0.39 -6.64 -1.18
N PHE A 46 0.57 -7.30 -2.31
CA PHE A 46 1.32 -6.72 -3.41
C PHE A 46 0.69 -7.08 -4.76
N PRO A 47 -0.32 -6.32 -5.18
CA PRO A 47 -0.83 -6.34 -6.54
C PRO A 47 -0.38 -5.12 -7.35
N LEU A 48 0.42 -4.25 -6.74
CA LEU A 48 0.75 -2.96 -7.33
C LEU A 48 2.26 -2.72 -7.26
N THR A 49 2.74 -2.40 -6.07
CA THR A 49 4.14 -2.14 -5.82
C THR A 49 4.35 -1.97 -4.30
N GLN A 50 4.54 -3.10 -3.63
CA GLN A 50 4.48 -3.15 -2.18
C GLN A 50 5.55 -4.10 -1.60
N PHE A 51 5.59 -4.20 -0.29
CA PHE A 51 6.39 -5.20 0.41
C PHE A 51 5.56 -5.79 1.55
N THR A 52 5.91 -6.97 2.00
CA THR A 52 5.17 -7.62 3.06
C THR A 52 6.02 -7.74 4.32
N CYS A 53 5.67 -6.97 5.36
CA CYS A 53 6.34 -7.10 6.65
C CYS A 53 6.29 -8.55 7.15
N ASN A 54 7.43 -9.06 7.61
CA ASN A 54 7.51 -10.47 8.00
C ASN A 54 6.80 -10.71 9.33
N ASN A 55 6.55 -9.65 10.09
CA ASN A 55 5.87 -9.77 11.36
C ASN A 55 4.34 -9.84 11.16
N GLY A 56 3.92 -9.94 9.91
CA GLY A 56 2.51 -10.14 9.63
C GLY A 56 1.85 -8.93 8.99
N ARG A 57 2.59 -7.82 8.91
CA ARG A 57 2.05 -6.61 8.31
C ARG A 57 2.36 -6.57 6.82
N CYS A 58 1.96 -5.48 6.19
CA CYS A 58 2.26 -5.24 4.79
C CYS A 58 2.60 -3.76 4.63
N ILE A 59 3.57 -3.44 3.78
CA ILE A 59 3.98 -2.06 3.61
C ILE A 59 4.02 -1.63 2.17
N ASN A 60 4.46 -0.40 1.97
CA ASN A 60 4.68 0.16 0.65
C ASN A 60 6.08 -0.23 0.17
N ILE A 61 6.31 -0.19 -1.13
CA ILE A 61 7.58 -0.63 -1.68
C ILE A 61 8.65 0.47 -1.54
N ASN A 62 8.22 1.69 -1.26
CA ASN A 62 9.12 2.83 -1.22
C ASN A 62 9.83 2.96 0.13
N TRP A 63 9.89 1.87 0.87
CA TRP A 63 10.61 1.85 2.14
C TRP A 63 11.90 1.03 1.98
N ARG A 64 12.13 0.61 0.75
CA ARG A 64 13.35 -0.11 0.38
C ARG A 64 14.52 0.87 0.45
N CYS A 65 15.16 0.92 1.59
CA CYS A 65 16.21 1.90 1.83
C CYS A 65 17.58 1.40 1.36
N ASP A 66 18.23 0.71 2.26
CA ASP A 66 19.62 0.31 2.09
C ASP A 66 19.75 -1.18 1.81
N ASN A 67 19.22 -2.00 2.70
CA ASN A 67 19.28 -3.44 2.52
C ASN A 67 18.08 -3.90 1.73
N ASP A 68 16.94 -3.91 2.40
CA ASP A 68 15.69 -4.34 1.81
C ASP A 68 14.59 -3.36 2.17
N ASN A 69 13.38 -3.84 2.33
CA ASN A 69 12.23 -2.98 2.49
C ASN A 69 11.77 -2.95 3.94
N ASP A 70 11.68 -1.73 4.48
CA ASP A 70 11.48 -1.49 5.90
C ASP A 70 10.12 -1.99 6.43
N CYS A 71 9.67 -1.39 7.53
CA CYS A 71 8.32 -1.60 8.09
C CYS A 71 8.29 -1.14 9.55
N GLY A 72 9.46 -1.19 10.20
CA GLY A 72 9.54 -0.80 11.59
C GLY A 72 9.39 -1.98 12.54
N ASP A 73 9.05 -3.14 11.99
CA ASP A 73 8.88 -4.34 12.78
C ASP A 73 10.02 -5.32 12.49
N ASN A 74 11.13 -4.77 12.02
CA ASN A 74 12.31 -5.54 11.65
C ASN A 74 12.01 -6.42 10.43
N SER A 75 11.28 -5.86 9.47
CA SER A 75 11.09 -6.54 8.20
C SER A 75 12.38 -6.63 7.44
N ASP A 76 12.80 -5.52 6.87
CA ASP A 76 14.14 -5.42 6.35
C ASP A 76 15.11 -5.52 7.52
N GLU A 77 15.02 -4.51 8.39
CA GLU A 77 15.86 -4.38 9.56
C GLU A 77 15.25 -3.39 10.57
N ALA A 78 14.51 -2.42 10.04
CA ALA A 78 13.77 -1.43 10.82
C ALA A 78 14.70 -0.37 11.41
N GLY A 79 15.72 0.00 10.65
CA GLY A 79 16.65 1.01 11.11
C GLY A 79 16.68 2.21 10.18
N CYS A 80 15.79 2.23 9.19
CA CYS A 80 15.72 3.34 8.25
C CYS A 80 14.47 4.19 8.46
N SER A 81 13.31 3.64 8.11
CA SER A 81 12.09 4.43 8.08
C SER A 81 11.17 4.13 9.27
N HIS A 82 11.58 4.54 10.46
CA HIS A 82 10.76 4.43 11.67
C HIS A 82 11.44 5.13 12.83
N SER A 1 -13.60 3.79 -17.09
CA SER A 1 -13.07 4.88 -17.96
C SER A 1 -13.54 6.23 -17.43
N ALA A 2 -12.67 7.24 -17.53
CA ALA A 2 -12.95 8.58 -17.01
C ALA A 2 -12.97 8.61 -15.49
N ARG A 3 -12.51 9.71 -14.91
CA ARG A 3 -12.43 9.88 -13.45
C ARG A 3 -11.44 8.87 -12.85
N THR A 4 -10.62 8.27 -13.70
CA THR A 4 -9.70 7.23 -13.28
C THR A 4 -8.32 7.77 -12.93
N CYS A 5 -8.24 9.09 -12.75
CA CYS A 5 -6.98 9.75 -12.39
C CYS A 5 -5.93 9.65 -13.51
N PRO A 6 -4.81 10.40 -13.40
CA PRO A 6 -3.73 10.35 -14.39
C PRO A 6 -2.91 9.06 -14.28
N PRO A 7 -1.99 8.80 -15.22
CA PRO A 7 -1.08 7.66 -15.15
C PRO A 7 -0.28 7.65 -13.84
N ASN A 8 -0.04 6.44 -13.31
CA ASN A 8 0.70 6.25 -12.05
C ASN A 8 -0.11 6.79 -10.87
N GLN A 9 -1.40 6.99 -11.09
CA GLN A 9 -2.29 7.55 -10.10
C GLN A 9 -3.53 6.71 -10.00
N PHE A 10 -4.02 6.54 -8.80
CA PHE A 10 -5.18 5.74 -8.54
C PHE A 10 -6.35 6.64 -8.17
N SER A 11 -7.50 6.31 -8.71
CA SER A 11 -8.70 7.06 -8.49
C SER A 11 -9.57 6.31 -7.51
N CYS A 12 -9.58 6.83 -6.32
CA CYS A 12 -10.27 6.23 -5.21
C CYS A 12 -11.78 6.39 -5.37
N ALA A 13 -12.52 6.17 -4.29
CA ALA A 13 -13.97 6.34 -4.30
C ALA A 13 -14.38 7.76 -4.72
N SER A 14 -14.58 7.93 -6.02
CA SER A 14 -15.19 9.12 -6.61
C SER A 14 -14.27 10.35 -6.61
N GLY A 15 -13.83 10.81 -5.45
CA GLY A 15 -13.20 12.12 -5.37
C GLY A 15 -11.72 12.11 -5.03
N ARG A 16 -11.17 10.95 -4.67
CA ARG A 16 -9.76 10.91 -4.31
C ARG A 16 -8.89 10.58 -5.53
N CYS A 17 -7.68 11.11 -5.54
CA CYS A 17 -6.76 10.92 -6.65
C CYS A 17 -5.36 10.76 -6.08
N ILE A 18 -4.96 9.52 -5.87
CA ILE A 18 -3.76 9.25 -5.08
C ILE A 18 -2.71 8.56 -5.93
N PRO A 19 -1.41 8.76 -5.65
CA PRO A 19 -0.34 8.05 -6.34
C PRO A 19 -0.41 6.55 -6.06
N ILE A 20 -0.25 5.74 -7.10
CA ILE A 20 -0.30 4.30 -6.90
C ILE A 20 1.03 3.77 -6.40
N SER A 21 1.17 3.71 -5.11
CA SER A 21 2.30 3.05 -4.48
C SER A 21 1.87 2.57 -3.11
N TRP A 22 0.59 2.75 -2.82
CA TRP A 22 0.10 2.51 -1.45
C TRP A 22 -1.40 2.28 -1.34
N THR A 23 -2.01 1.61 -2.29
CA THR A 23 -3.37 1.13 -2.10
C THR A 23 -3.40 0.03 -1.03
N CYS A 24 -3.25 -1.22 -1.49
CA CYS A 24 -3.18 -2.41 -0.65
C CYS A 24 -2.10 -2.30 0.44
N ASP A 25 -2.42 -1.57 1.50
CA ASP A 25 -1.43 -1.21 2.51
C ASP A 25 -2.02 -1.20 3.92
N LEU A 26 -3.35 -1.33 4.00
CA LEU A 26 -4.10 -1.34 5.26
C LEU A 26 -4.25 0.07 5.82
N ASP A 27 -4.09 1.08 4.97
CA ASP A 27 -4.30 2.46 5.37
C ASP A 27 -5.59 3.01 4.73
N ASP A 28 -5.88 4.29 4.97
CA ASP A 28 -7.16 4.87 4.63
C ASP A 28 -7.20 5.39 3.20
N ASP A 29 -7.38 4.47 2.27
CA ASP A 29 -7.77 4.84 0.91
C ASP A 29 -8.93 3.94 0.51
N CYS A 30 -9.16 3.72 -0.79
CA CYS A 30 -10.41 3.12 -1.22
C CYS A 30 -10.45 2.69 -2.68
N GLY A 31 -9.98 1.47 -2.95
CA GLY A 31 -10.25 0.84 -4.23
C GLY A 31 -11.71 0.42 -4.32
N ASP A 32 -12.31 0.30 -3.16
CA ASP A 32 -13.75 0.02 -3.03
C ASP A 32 -14.28 0.71 -1.80
N ARG A 33 -13.77 0.30 -0.65
CA ARG A 33 -14.19 0.84 0.62
C ARG A 33 -12.99 1.41 1.36
N SER A 34 -12.19 0.52 1.90
CA SER A 34 -10.92 0.91 2.51
C SER A 34 -9.78 0.37 1.65
N ASP A 35 -10.14 0.02 0.42
CA ASP A 35 -9.21 -0.59 -0.56
C ASP A 35 -8.86 -2.03 -0.18
N GLU A 36 -9.18 -2.42 1.03
CA GLU A 36 -8.71 -3.69 1.55
C GLU A 36 -9.82 -4.72 1.49
N SER A 37 -10.16 -5.10 0.26
CA SER A 37 -11.14 -6.13 0.01
C SER A 37 -11.27 -6.42 -1.49
N ALA A 38 -11.91 -5.53 -2.22
CA ALA A 38 -12.29 -5.79 -3.61
C ALA A 38 -11.23 -5.35 -4.61
N SER A 39 -10.20 -4.66 -4.16
CA SER A 39 -9.16 -4.19 -5.07
C SER A 39 -7.87 -4.98 -4.92
N CYS A 40 -7.42 -5.19 -3.68
CA CYS A 40 -6.22 -5.99 -3.48
C CYS A 40 -6.57 -7.47 -3.31
N ALA A 41 -7.59 -7.76 -2.50
CA ALA A 41 -8.05 -9.13 -2.23
C ALA A 41 -7.08 -9.90 -1.33
N TYR A 42 -5.89 -9.36 -1.17
CA TYR A 42 -4.83 -9.93 -0.31
C TYR A 42 -4.47 -11.39 -0.65
N PRO A 43 -4.17 -11.72 -1.93
CA PRO A 43 -3.59 -13.00 -2.28
C PRO A 43 -2.07 -12.89 -2.40
N THR A 44 -1.59 -11.67 -2.23
CA THR A 44 -0.20 -11.34 -2.41
C THR A 44 0.08 -9.96 -1.82
N CYS A 45 -0.92 -9.09 -1.94
CA CYS A 45 -0.85 -7.71 -1.47
C CYS A 45 -0.05 -6.85 -2.42
N PHE A 46 0.21 -7.38 -3.62
CA PHE A 46 0.92 -6.61 -4.63
C PHE A 46 0.06 -6.44 -5.86
N PRO A 47 -0.82 -5.43 -5.87
CA PRO A 47 -1.50 -5.01 -7.07
C PRO A 47 -0.59 -4.10 -7.88
N LEU A 48 0.08 -3.23 -7.17
CA LEU A 48 0.95 -2.22 -7.76
C LEU A 48 1.96 -1.70 -6.74
N THR A 49 3.20 -2.18 -6.83
CA THR A 49 4.32 -1.70 -6.01
C THR A 49 4.00 -1.77 -4.52
N GLN A 50 4.21 -2.95 -3.95
CA GLN A 50 3.83 -3.22 -2.58
C GLN A 50 4.78 -4.24 -1.98
N PHE A 51 4.66 -4.44 -0.68
CA PHE A 51 5.44 -5.45 0.01
C PHE A 51 4.54 -6.23 0.97
N THR A 52 4.89 -7.48 1.22
CA THR A 52 4.13 -8.29 2.14
C THR A 52 4.91 -8.50 3.44
N CYS A 53 4.58 -7.70 4.45
CA CYS A 53 5.22 -7.82 5.75
C CYS A 53 5.05 -9.23 6.31
N ASN A 54 6.12 -9.77 6.89
CA ASN A 54 6.12 -11.15 7.38
C ASN A 54 5.12 -11.33 8.52
N ASN A 55 4.95 -10.30 9.35
CA ASN A 55 4.10 -10.40 10.52
C ASN A 55 2.66 -9.99 10.21
N GLY A 56 2.15 -10.49 9.08
CA GLY A 56 0.72 -10.42 8.82
C GLY A 56 0.31 -9.21 8.04
N ARG A 57 1.18 -8.21 7.98
CA ARG A 57 0.83 -6.96 7.33
C ARG A 57 1.23 -6.98 5.86
N CYS A 58 0.73 -6.03 5.12
CA CYS A 58 1.18 -5.78 3.76
C CYS A 58 1.48 -4.30 3.62
N ILE A 59 2.75 -3.95 3.41
CA ILE A 59 3.14 -2.56 3.54
C ILE A 59 3.51 -1.94 2.19
N ASN A 60 3.48 -0.61 2.17
CA ASN A 60 3.94 0.20 1.06
C ASN A 60 5.36 -0.16 0.65
N ILE A 61 5.58 -0.29 -0.65
CA ILE A 61 6.90 -0.67 -1.18
C ILE A 61 7.91 0.47 -1.01
N ASN A 62 7.39 1.68 -0.85
CA ASN A 62 8.21 2.89 -0.81
C ASN A 62 8.72 3.15 0.60
N TRP A 63 8.84 2.09 1.39
CA TRP A 63 9.39 2.20 2.73
C TRP A 63 10.80 1.61 2.77
N ARG A 64 11.27 1.24 1.58
CA ARG A 64 12.65 0.79 1.40
C ARG A 64 13.60 1.92 1.78
N CYS A 65 14.17 1.82 2.97
CA CYS A 65 15.03 2.87 3.49
C CYS A 65 16.47 2.64 3.07
N ASP A 66 17.00 1.53 3.52
CA ASP A 66 18.38 1.15 3.25
C ASP A 66 18.44 0.17 2.09
N ASN A 67 17.66 -0.90 2.19
CA ASN A 67 17.62 -1.92 1.18
C ASN A 67 16.22 -2.52 1.12
N ASP A 68 15.64 -2.79 2.28
CA ASP A 68 14.29 -3.32 2.33
C ASP A 68 13.37 -2.31 3.03
N ASN A 69 12.08 -2.61 3.09
CA ASN A 69 11.08 -1.62 3.51
C ASN A 69 10.54 -1.88 4.90
N ASP A 70 10.74 -0.88 5.75
CA ASP A 70 10.51 -0.99 7.19
C ASP A 70 9.12 -1.48 7.56
N CYS A 71 9.06 -2.51 8.37
CA CYS A 71 7.79 -2.96 8.91
C CYS A 71 7.85 -3.11 10.43
N GLY A 72 8.93 -2.64 11.04
CA GLY A 72 9.01 -2.60 12.49
C GLY A 72 9.65 -3.82 13.14
N ASP A 73 9.20 -5.02 12.80
CA ASP A 73 9.67 -6.22 13.50
C ASP A 73 10.54 -7.12 12.62
N ASN A 74 11.68 -6.58 12.20
CA ASN A 74 12.75 -7.34 11.53
C ASN A 74 12.26 -8.09 10.30
N SER A 75 11.17 -7.62 9.71
CA SER A 75 10.63 -8.24 8.50
C SER A 75 11.61 -8.02 7.35
N ASP A 76 11.81 -6.76 7.10
CA ASP A 76 12.76 -6.26 6.13
C ASP A 76 14.15 -6.23 6.75
N GLU A 77 14.21 -5.49 7.85
CA GLU A 77 15.40 -5.27 8.63
C GLU A 77 15.01 -4.52 9.89
N ALA A 78 14.07 -3.60 9.69
CA ALA A 78 13.50 -2.78 10.76
C ALA A 78 14.57 -2.07 11.59
N GLY A 79 14.96 -0.89 11.14
CA GLY A 79 15.95 -0.13 11.85
C GLY A 79 16.40 1.12 11.12
N CYS A 80 16.21 1.14 9.81
CA CYS A 80 16.63 2.29 9.02
C CYS A 80 15.67 3.46 9.19
N SER A 81 14.37 3.20 9.19
CA SER A 81 13.38 4.28 9.22
C SER A 81 13.10 4.74 10.65
N HIS A 82 13.30 6.04 10.88
CA HIS A 82 13.01 6.66 12.16
C HIS A 82 12.36 8.03 11.93
N SER A 1 -13.38 10.20 -22.08
CA SER A 1 -12.76 10.86 -20.90
C SER A 1 -12.78 9.93 -19.69
N ALA A 2 -11.81 10.09 -18.80
CA ALA A 2 -11.74 9.31 -17.57
C ALA A 2 -12.16 10.18 -16.39
N ARG A 3 -12.06 9.63 -15.18
CA ARG A 3 -12.45 10.39 -14.00
C ARG A 3 -11.60 9.96 -12.80
N THR A 4 -11.48 10.88 -11.83
CA THR A 4 -10.87 10.61 -10.53
C THR A 4 -9.48 9.95 -10.61
N CYS A 5 -8.43 10.78 -10.56
CA CYS A 5 -7.04 10.31 -10.47
C CYS A 5 -6.53 9.72 -11.78
N PRO A 6 -5.23 9.95 -12.08
CA PRO A 6 -4.56 9.35 -13.23
C PRO A 6 -4.32 7.85 -13.04
N PRO A 7 -4.03 7.10 -14.12
CA PRO A 7 -3.80 5.65 -14.06
C PRO A 7 -2.62 5.25 -13.17
N ASN A 8 -1.69 6.17 -12.96
CA ASN A 8 -0.52 5.90 -12.11
C ASN A 8 -0.86 6.24 -10.67
N GLN A 9 -2.13 6.47 -10.43
CA GLN A 9 -2.64 6.91 -9.16
C GLN A 9 -3.89 6.11 -8.82
N PHE A 10 -4.46 6.39 -7.68
CA PHE A 10 -5.70 5.77 -7.26
C PHE A 10 -6.55 6.81 -6.56
N SER A 11 -7.84 6.74 -6.78
CA SER A 11 -8.75 7.71 -6.23
C SER A 11 -9.57 7.12 -5.10
N CYS A 12 -9.34 7.60 -3.88
CA CYS A 12 -10.21 7.29 -2.77
C CYS A 12 -11.65 7.67 -3.14
N ALA A 13 -12.61 6.97 -2.53
CA ALA A 13 -14.02 6.93 -2.97
C ALA A 13 -14.48 8.14 -3.77
N SER A 14 -14.19 8.09 -5.09
CA SER A 14 -14.67 9.08 -6.08
C SER A 14 -14.53 10.53 -5.60
N GLY A 15 -13.45 10.82 -4.89
CA GLY A 15 -13.26 12.17 -4.39
C GLY A 15 -11.80 12.52 -4.19
N ARG A 16 -11.07 11.63 -3.53
CA ARG A 16 -9.66 11.88 -3.25
C ARG A 16 -8.79 11.33 -4.37
N CYS A 17 -7.52 11.65 -4.33
CA CYS A 17 -6.58 11.23 -5.37
C CYS A 17 -5.22 10.93 -4.74
N ILE A 18 -4.90 9.65 -4.66
CA ILE A 18 -3.70 9.19 -3.96
C ILE A 18 -2.82 8.42 -4.95
N PRO A 19 -1.51 8.33 -4.72
CA PRO A 19 -0.62 7.57 -5.60
C PRO A 19 -0.71 6.07 -5.35
N ILE A 20 -0.57 5.29 -6.42
CA ILE A 20 -0.59 3.83 -6.33
C ILE A 20 0.47 3.32 -5.34
N SER A 21 0.24 2.10 -4.81
CA SER A 21 1.07 1.45 -3.77
C SER A 21 0.48 1.74 -2.40
N TRP A 22 -0.45 2.67 -2.35
CA TRP A 22 -1.03 3.13 -1.09
C TRP A 22 -2.36 2.43 -0.80
N THR A 23 -2.80 1.61 -1.74
CA THR A 23 -4.06 0.91 -1.56
C THR A 23 -3.91 -0.30 -0.63
N CYS A 24 -2.93 -1.13 -0.92
CA CYS A 24 -2.79 -2.42 -0.27
C CYS A 24 -1.83 -2.39 0.94
N ASP A 25 -1.64 -1.23 1.56
CA ASP A 25 -0.71 -1.14 2.69
C ASP A 25 -1.43 -0.87 4.00
N LEU A 26 -2.75 -1.08 4.01
CA LEU A 26 -3.58 -1.02 5.20
C LEU A 26 -3.88 0.41 5.64
N ASP A 27 -5.06 0.88 5.23
CA ASP A 27 -5.65 2.12 5.75
C ASP A 27 -5.05 3.39 5.11
N ASP A 28 -5.36 4.55 5.71
CA ASP A 28 -5.00 5.88 5.19
C ASP A 28 -5.75 6.19 3.88
N ASP A 29 -5.67 5.27 2.93
CA ASP A 29 -6.41 5.37 1.68
C ASP A 29 -7.88 5.07 1.95
N CYS A 30 -8.74 5.18 0.94
CA CYS A 30 -10.16 4.97 1.15
C CYS A 30 -10.97 4.85 -0.15
N GLY A 31 -10.45 4.10 -1.09
CA GLY A 31 -11.21 3.80 -2.29
C GLY A 31 -12.38 2.88 -1.97
N ASP A 32 -12.09 1.80 -1.24
CA ASP A 32 -13.12 0.91 -0.73
C ASP A 32 -13.56 1.39 0.65
N ARG A 33 -12.57 1.53 1.52
CA ARG A 33 -12.75 1.99 2.89
C ARG A 33 -11.41 2.40 3.41
N SER A 34 -10.50 1.43 3.44
CA SER A 34 -9.09 1.69 3.62
C SER A 34 -8.32 1.00 2.49
N ASP A 35 -9.09 0.33 1.62
CA ASP A 35 -8.58 -0.34 0.39
C ASP A 35 -7.92 -1.68 0.63
N GLU A 36 -8.49 -2.47 1.50
CA GLU A 36 -8.00 -3.82 1.73
C GLU A 36 -8.89 -4.82 1.00
N SER A 37 -10.15 -4.48 0.94
CA SER A 37 -11.13 -5.27 0.22
C SER A 37 -11.47 -4.60 -1.10
N ALA A 38 -11.67 -5.40 -2.14
CA ALA A 38 -12.11 -4.92 -3.46
C ALA A 38 -11.08 -4.08 -4.19
N SER A 39 -10.07 -3.61 -3.49
CA SER A 39 -8.99 -2.87 -4.12
C SER A 39 -7.76 -3.77 -4.20
N CYS A 40 -7.31 -4.25 -3.05
CA CYS A 40 -6.21 -5.20 -3.03
C CYS A 40 -6.73 -6.63 -3.00
N ALA A 41 -7.70 -6.88 -2.11
CA ALA A 41 -8.30 -8.21 -1.90
C ALA A 41 -7.37 -9.14 -1.10
N TYR A 42 -6.12 -8.69 -0.94
CA TYR A 42 -5.10 -9.40 -0.17
C TYR A 42 -4.93 -10.86 -0.60
N PRO A 43 -4.58 -11.11 -1.88
CA PRO A 43 -4.19 -12.44 -2.34
C PRO A 43 -2.75 -12.73 -1.95
N THR A 44 -1.91 -11.72 -2.11
CA THR A 44 -0.52 -11.77 -1.71
C THR A 44 -0.07 -10.38 -1.27
N CYS A 45 -1.05 -9.50 -1.08
CA CYS A 45 -0.81 -8.10 -0.71
C CYS A 45 0.03 -7.35 -1.73
N PHE A 46 0.08 -7.83 -2.95
CA PHE A 46 0.75 -7.11 -4.03
C PHE A 46 -0.08 -7.14 -5.30
N PRO A 47 -0.95 -6.14 -5.47
CA PRO A 47 -1.55 -5.85 -6.75
C PRO A 47 -0.76 -4.79 -7.52
N LEU A 48 -0.17 -3.87 -6.77
CA LEU A 48 0.51 -2.71 -7.34
C LEU A 48 1.59 -2.18 -6.41
N THR A 49 2.82 -2.66 -6.62
CA THR A 49 4.01 -2.17 -5.93
C THR A 49 3.84 -2.20 -4.41
N GLN A 50 4.20 -3.33 -3.82
CA GLN A 50 3.98 -3.56 -2.41
C GLN A 50 5.13 -4.37 -1.82
N PHE A 51 5.14 -4.48 -0.50
CA PHE A 51 6.03 -5.41 0.19
C PHE A 51 5.27 -6.03 1.36
N THR A 52 5.69 -7.21 1.78
CA THR A 52 5.08 -7.85 2.92
C THR A 52 6.03 -7.82 4.10
N CYS A 53 5.67 -7.05 5.12
CA CYS A 53 6.48 -6.95 6.34
C CYS A 53 6.74 -8.32 6.94
N ASN A 54 7.87 -8.44 7.61
CA ASN A 54 8.31 -9.72 8.16
C ASN A 54 7.46 -10.15 9.36
N ASN A 55 6.73 -9.20 9.94
CA ASN A 55 5.87 -9.50 11.07
C ASN A 55 4.49 -9.96 10.63
N GLY A 56 4.16 -9.69 9.36
CA GLY A 56 2.86 -10.07 8.86
C GLY A 56 2.10 -8.91 8.22
N ARG A 57 2.58 -7.67 8.37
CA ARG A 57 1.94 -6.53 7.75
C ARG A 57 2.12 -6.57 6.24
N CYS A 58 1.23 -5.94 5.52
CA CYS A 58 1.42 -5.70 4.11
C CYS A 58 1.70 -4.22 3.92
N ILE A 59 2.89 -3.89 3.47
CA ILE A 59 3.35 -2.51 3.55
C ILE A 59 3.58 -1.88 2.18
N ASN A 60 3.82 -0.58 2.22
CA ASN A 60 4.03 0.24 1.02
C ASN A 60 5.41 -0.03 0.44
N ILE A 61 5.53 -0.04 -0.88
CA ILE A 61 6.81 -0.35 -1.53
C ILE A 61 7.81 0.81 -1.40
N ASN A 62 7.33 1.97 -0.99
CA ASN A 62 8.18 3.16 -0.88
C ASN A 62 8.90 3.22 0.47
N TRP A 63 9.04 2.08 1.12
CA TRP A 63 9.74 2.01 2.41
C TRP A 63 11.09 1.35 2.24
N ARG A 64 11.37 0.94 1.01
CA ARG A 64 12.66 0.36 0.64
C ARG A 64 13.75 1.41 0.76
N CYS A 65 14.33 1.51 1.95
CA CYS A 65 15.33 2.54 2.24
C CYS A 65 16.70 2.20 1.65
N ASP A 66 17.39 1.36 2.37
CA ASP A 66 18.79 1.05 2.08
C ASP A 66 18.94 -0.24 1.31
N ASN A 67 18.46 -1.34 1.88
CA ASN A 67 18.63 -2.63 1.25
C ASN A 67 17.27 -3.29 0.98
N ASP A 68 16.34 -3.18 1.93
CA ASP A 68 15.00 -3.69 1.70
C ASP A 68 13.94 -2.69 2.19
N ASN A 69 12.73 -3.16 2.47
CA ASN A 69 11.55 -2.32 2.42
C ASN A 69 10.97 -1.97 3.80
N ASP A 70 11.81 -1.94 4.82
CA ASP A 70 11.40 -1.40 6.13
C ASP A 70 10.15 -2.11 6.69
N CYS A 71 9.46 -1.43 7.63
CA CYS A 71 8.17 -1.88 8.17
C CYS A 71 7.78 -1.07 9.42
N GLY A 72 8.53 -1.27 10.51
CA GLY A 72 8.23 -0.60 11.76
C GLY A 72 8.39 -1.52 12.95
N ASP A 73 8.05 -2.79 12.75
CA ASP A 73 8.22 -3.80 13.76
C ASP A 73 8.42 -5.12 13.04
N ASN A 74 9.67 -5.56 13.09
CA ASN A 74 10.11 -6.78 12.42
C ASN A 74 10.22 -6.49 10.94
N SER A 75 11.00 -5.47 10.64
CA SER A 75 11.10 -4.92 9.31
C SER A 75 12.21 -5.54 8.49
N ASP A 76 12.51 -4.86 7.37
CA ASP A 76 13.75 -5.09 6.63
C ASP A 76 14.93 -5.13 7.61
N GLU A 77 15.23 -3.96 8.17
CA GLU A 77 16.31 -3.81 9.13
C GLU A 77 15.78 -3.60 10.54
N ALA A 78 14.95 -2.59 10.68
CA ALA A 78 14.39 -2.22 11.97
C ALA A 78 13.32 -1.14 11.81
N GLY A 79 13.68 -0.04 11.15
CA GLY A 79 12.78 1.09 11.02
C GLY A 79 13.51 2.34 10.56
N CYS A 80 13.61 2.49 9.24
CA CYS A 80 14.23 3.66 8.64
C CYS A 80 13.16 4.71 8.32
N SER A 81 12.04 4.24 7.82
CA SER A 81 10.95 5.12 7.43
C SER A 81 10.21 5.65 8.66
N HIS A 82 10.04 6.97 8.72
CA HIS A 82 9.33 7.60 9.81
C HIS A 82 8.53 8.79 9.26
N SER A 1 -10.04 3.12 -19.83
CA SER A 1 -9.84 3.91 -18.60
C SER A 1 -11.19 4.30 -18.01
N ALA A 2 -11.16 4.90 -16.83
CA ALA A 2 -12.38 5.36 -16.17
C ALA A 2 -12.11 6.67 -15.45
N ARG A 3 -13.06 7.13 -14.64
CA ARG A 3 -12.89 8.37 -13.91
C ARG A 3 -12.26 8.09 -12.55
N THR A 4 -11.74 6.88 -12.39
CA THR A 4 -11.14 6.42 -11.15
C THR A 4 -9.68 6.91 -11.03
N CYS A 5 -9.42 8.09 -11.58
CA CYS A 5 -8.08 8.66 -11.67
C CYS A 5 -7.23 7.87 -12.68
N PRO A 6 -6.19 8.51 -13.24
CA PRO A 6 -5.32 7.87 -14.24
C PRO A 6 -4.49 6.74 -13.65
N PRO A 7 -3.93 5.85 -14.51
CA PRO A 7 -3.05 4.77 -14.07
C PRO A 7 -1.92 5.27 -13.18
N ASN A 8 -1.58 4.47 -12.16
CA ASN A 8 -0.55 4.79 -11.16
C ASN A 8 -1.14 5.66 -10.04
N GLN A 9 -2.39 6.07 -10.21
CA GLN A 9 -3.10 6.76 -9.15
C GLN A 9 -4.55 6.27 -9.06
N PHE A 10 -5.24 6.69 -8.02
CA PHE A 10 -6.56 6.18 -7.68
C PHE A 10 -7.45 7.33 -7.22
N SER A 11 -8.75 7.20 -7.40
CA SER A 11 -9.66 8.24 -7.03
C SER A 11 -10.44 7.87 -5.79
N CYS A 12 -10.17 8.55 -4.70
CA CYS A 12 -11.01 8.43 -3.52
C CYS A 12 -12.43 8.82 -3.90
N ALA A 13 -13.41 8.19 -3.24
CA ALA A 13 -14.82 8.21 -3.67
C ALA A 13 -15.23 9.46 -4.45
N SER A 14 -15.17 9.30 -5.78
CA SER A 14 -15.64 10.30 -6.74
C SER A 14 -15.22 11.72 -6.37
N GLY A 15 -13.98 12.07 -6.66
CA GLY A 15 -13.56 13.45 -6.51
C GLY A 15 -12.09 13.60 -6.22
N ARG A 16 -11.55 12.71 -5.39
CA ARG A 16 -10.17 12.82 -4.96
C ARG A 16 -9.27 12.03 -5.91
N CYS A 17 -7.96 12.22 -5.76
CA CYS A 17 -6.99 11.58 -6.65
C CYS A 17 -5.69 11.36 -5.88
N ILE A 18 -5.37 10.10 -5.64
CA ILE A 18 -4.23 9.74 -4.81
C ILE A 18 -3.27 8.83 -5.57
N PRO A 19 -1.95 8.95 -5.33
CA PRO A 19 -0.97 8.03 -5.92
C PRO A 19 -1.11 6.61 -5.35
N ILE A 20 -1.13 5.61 -6.22
CA ILE A 20 -1.27 4.22 -5.76
C ILE A 20 -0.03 3.78 -4.97
N SER A 21 -0.01 4.13 -3.71
CA SER A 21 0.99 3.63 -2.79
C SER A 21 0.35 3.57 -1.42
N TRP A 22 -0.93 3.89 -1.40
CA TRP A 22 -1.65 4.07 -0.13
C TRP A 22 -2.87 3.15 -0.02
N THR A 23 -3.38 2.72 -1.16
CA THR A 23 -4.66 2.04 -1.23
C THR A 23 -4.64 0.62 -0.68
N CYS A 24 -4.58 -0.32 -1.61
CA CYS A 24 -4.72 -1.74 -1.35
C CYS A 24 -3.50 -2.34 -0.65
N ASP A 25 -3.10 -1.75 0.45
CA ASP A 25 -1.92 -2.22 1.17
C ASP A 25 -2.04 -2.03 2.67
N LEU A 26 -3.29 -2.03 3.15
CA LEU A 26 -3.60 -2.02 4.59
C LEU A 26 -3.33 -0.66 5.24
N ASP A 27 -3.37 0.39 4.46
CA ASP A 27 -3.30 1.73 5.02
C ASP A 27 -4.58 2.50 4.67
N ASP A 28 -4.65 3.76 5.07
CA ASP A 28 -5.90 4.51 4.99
C ASP A 28 -5.72 5.80 4.21
N ASP A 29 -6.14 5.81 2.95
CA ASP A 29 -6.08 7.03 2.14
C ASP A 29 -7.47 7.49 1.73
N CYS A 30 -8.34 6.54 1.46
CA CYS A 30 -9.72 6.85 1.12
C CYS A 30 -10.66 6.47 2.25
N GLY A 31 -10.21 5.56 3.11
CA GLY A 31 -10.97 5.21 4.29
C GLY A 31 -11.94 4.06 4.04
N ASP A 32 -11.38 2.89 3.71
CA ASP A 32 -12.17 1.66 3.51
C ASP A 32 -12.98 1.68 2.21
N ARG A 33 -13.24 2.86 1.71
CA ARG A 33 -14.08 3.04 0.54
C ARG A 33 -13.29 2.82 -0.74
N SER A 34 -13.15 1.54 -1.11
CA SER A 34 -12.57 1.12 -2.38
C SER A 34 -11.05 1.08 -2.32
N ASP A 35 -10.49 1.65 -1.28
CA ASP A 35 -9.05 1.64 -1.09
C ASP A 35 -8.62 0.38 -0.36
N GLU A 36 -9.39 0.00 0.63
CA GLU A 36 -9.09 -1.18 1.42
C GLU A 36 -10.05 -2.32 1.09
N SER A 37 -9.54 -3.25 0.30
CA SER A 37 -10.22 -4.52 -0.01
C SER A 37 -11.41 -4.34 -0.95
N ALA A 38 -12.00 -3.15 -0.97
CA ALA A 38 -13.18 -2.89 -1.79
C ALA A 38 -12.80 -2.57 -3.24
N SER A 39 -11.77 -3.26 -3.72
CA SER A 39 -11.31 -3.12 -5.09
C SER A 39 -10.33 -4.25 -5.39
N CYS A 40 -9.27 -4.33 -4.61
CA CYS A 40 -8.27 -5.37 -4.76
C CYS A 40 -8.63 -6.57 -3.90
N ALA A 41 -8.51 -7.76 -4.49
CA ALA A 41 -8.87 -8.99 -3.79
C ALA A 41 -7.78 -9.44 -2.83
N TYR A 42 -6.60 -8.82 -2.95
CA TYR A 42 -5.44 -9.11 -2.10
C TYR A 42 -4.98 -10.56 -2.24
N PRO A 43 -4.15 -10.86 -3.24
CA PRO A 43 -3.56 -12.19 -3.39
C PRO A 43 -2.48 -12.42 -2.32
N THR A 44 -1.82 -11.34 -1.98
CA THR A 44 -0.78 -11.34 -0.95
C THR A 44 -0.33 -9.89 -0.75
N CYS A 45 -1.29 -8.98 -0.91
CA CYS A 45 -1.01 -7.55 -1.02
C CYS A 45 -0.23 -7.29 -2.30
N PHE A 46 0.40 -6.12 -2.36
CA PHE A 46 1.28 -5.76 -3.47
C PHE A 46 0.54 -5.75 -4.83
N PRO A 47 -0.44 -4.84 -4.99
CA PRO A 47 -1.03 -4.54 -6.28
C PRO A 47 -0.46 -3.24 -6.86
N LEU A 48 0.65 -2.81 -6.27
CA LEU A 48 1.27 -1.53 -6.63
C LEU A 48 2.79 -1.63 -6.55
N THR A 49 3.31 -1.66 -5.33
CA THR A 49 4.73 -1.66 -5.09
C THR A 49 4.97 -1.73 -3.58
N GLN A 50 5.21 -2.95 -3.10
CA GLN A 50 5.21 -3.25 -1.68
C GLN A 50 6.30 -4.23 -1.32
N PHE A 51 6.64 -4.25 -0.04
CA PHE A 51 7.48 -5.29 0.53
C PHE A 51 6.60 -6.17 1.43
N THR A 52 7.02 -7.39 1.70
CA THR A 52 6.20 -8.32 2.47
C THR A 52 6.76 -8.48 3.89
N CYS A 53 6.08 -7.85 4.84
CA CYS A 53 6.45 -7.94 6.24
C CYS A 53 6.35 -9.38 6.75
N ASN A 54 7.45 -9.88 7.33
CA ASN A 54 7.52 -11.27 7.79
C ASN A 54 6.51 -11.56 8.89
N ASN A 55 6.05 -10.52 9.57
CA ASN A 55 5.10 -10.69 10.67
C ASN A 55 3.70 -11.02 10.14
N GLY A 56 3.57 -11.05 8.82
CA GLY A 56 2.31 -11.40 8.22
C GLY A 56 1.65 -10.23 7.52
N ARG A 57 2.20 -9.04 7.70
CA ARG A 57 1.64 -7.85 7.07
C ARG A 57 2.32 -7.61 5.72
N CYS A 58 1.89 -6.56 5.05
CA CYS A 58 2.55 -6.09 3.86
C CYS A 58 2.90 -4.63 4.05
N ILE A 59 4.15 -4.29 3.81
CA ILE A 59 4.61 -2.94 4.07
C ILE A 59 4.91 -2.21 2.77
N ASN A 60 4.89 -0.89 2.81
CA ASN A 60 5.13 -0.08 1.62
C ASN A 60 6.55 -0.31 1.15
N ILE A 61 6.76 -0.19 -0.15
CA ILE A 61 8.08 -0.40 -0.73
C ILE A 61 9.01 0.78 -0.42
N ASN A 62 8.49 1.76 0.30
CA ASN A 62 9.23 2.97 0.63
C ASN A 62 9.54 3.05 2.13
N TRP A 63 9.72 1.88 2.75
CA TRP A 63 10.14 1.79 4.15
C TRP A 63 11.61 1.35 4.16
N ARG A 64 12.17 1.40 2.96
CA ARG A 64 13.60 1.31 2.73
C ARG A 64 14.29 2.57 3.26
N CYS A 65 14.67 2.59 4.54
CA CYS A 65 15.30 3.78 5.08
C CYS A 65 16.81 3.71 4.90
N ASP A 66 17.37 2.52 5.01
CA ASP A 66 18.80 2.32 4.84
C ASP A 66 19.13 1.03 4.09
N ASN A 67 19.17 -0.11 4.78
CA ASN A 67 19.61 -1.37 4.18
C ASN A 67 18.59 -1.88 3.18
N ASP A 68 17.43 -2.30 3.68
CA ASP A 68 16.32 -2.65 2.81
C ASP A 68 15.02 -2.09 3.39
N ASN A 69 13.93 -2.85 3.35
CA ASN A 69 12.60 -2.33 3.70
C ASN A 69 12.05 -2.99 4.96
N ASP A 70 11.76 -2.19 5.99
CA ASP A 70 11.38 -2.75 7.28
C ASP A 70 9.90 -2.55 7.62
N CYS A 71 9.51 -3.18 8.73
CA CYS A 71 8.10 -3.30 9.11
C CYS A 71 7.90 -2.92 10.58
N GLY A 72 9.00 -2.65 11.27
CA GLY A 72 8.92 -2.28 12.68
C GLY A 72 9.09 -3.47 13.62
N ASP A 73 9.01 -4.69 13.11
CA ASP A 73 9.13 -5.87 13.95
C ASP A 73 10.46 -6.61 13.71
N ASN A 74 10.67 -7.06 12.47
CA ASN A 74 11.87 -7.83 12.12
C ASN A 74 11.86 -8.08 10.61
N SER A 75 11.75 -7.02 9.84
CA SER A 75 11.63 -7.15 8.39
C SER A 75 12.99 -7.16 7.72
N ASP A 76 13.41 -6.00 7.23
CA ASP A 76 14.74 -5.83 6.65
C ASP A 76 15.79 -6.14 7.70
N GLU A 77 15.71 -5.41 8.80
CA GLU A 77 16.59 -5.62 9.93
C GLU A 77 15.77 -5.91 11.18
N ALA A 78 14.82 -5.02 11.42
CA ALA A 78 13.91 -5.11 12.55
C ALA A 78 12.87 -4.01 12.45
N GLY A 79 13.26 -2.80 12.83
CA GLY A 79 12.32 -1.71 12.91
C GLY A 79 13.00 -0.36 12.79
N CYS A 80 12.85 0.26 11.63
CA CYS A 80 13.40 1.58 11.39
C CYS A 80 12.29 2.62 11.62
N SER A 81 11.08 2.12 11.85
CA SER A 81 9.91 2.96 12.04
C SER A 81 9.74 3.36 13.51
N HIS A 82 10.86 3.74 14.15
CA HIS A 82 10.87 4.20 15.54
C HIS A 82 10.63 3.07 16.53
N SER A 1 -8.11 10.41 -15.89
CA SER A 1 -9.31 10.34 -16.74
C SER A 1 -10.23 11.51 -16.43
N ALA A 2 -11.50 11.41 -16.83
CA ALA A 2 -12.47 12.49 -16.61
C ALA A 2 -12.65 12.79 -15.13
N ARG A 3 -12.43 11.78 -14.31
CA ARG A 3 -12.49 11.94 -12.86
C ARG A 3 -11.49 11.02 -12.19
N THR A 4 -11.38 9.79 -12.69
CA THR A 4 -10.48 8.81 -12.12
C THR A 4 -9.01 9.21 -12.30
N CYS A 5 -8.22 8.88 -11.30
CA CYS A 5 -6.80 9.20 -11.24
C CYS A 5 -6.03 8.53 -12.37
N PRO A 6 -4.83 9.03 -12.70
CA PRO A 6 -3.95 8.44 -13.71
C PRO A 6 -3.59 6.99 -13.36
N PRO A 7 -3.20 6.18 -14.36
CA PRO A 7 -2.91 4.74 -14.19
C PRO A 7 -1.79 4.45 -13.19
N ASN A 8 -1.04 5.49 -12.82
CA ASN A 8 0.04 5.35 -11.84
C ASN A 8 -0.54 5.40 -10.43
N GLN A 9 -1.82 5.71 -10.34
CA GLN A 9 -2.50 5.84 -9.07
C GLN A 9 -3.94 5.38 -9.20
N PHE A 10 -4.73 5.70 -8.20
CA PHE A 10 -6.09 5.21 -8.07
C PHE A 10 -6.96 6.28 -7.41
N SER A 11 -8.27 6.17 -7.56
CA SER A 11 -9.16 7.17 -7.04
C SER A 11 -9.92 6.65 -5.84
N CYS A 12 -9.52 7.13 -4.68
CA CYS A 12 -10.30 6.87 -3.49
C CYS A 12 -11.67 7.52 -3.65
N ALA A 13 -12.70 6.80 -3.22
CA ALA A 13 -14.11 7.10 -3.51
C ALA A 13 -14.42 8.57 -3.76
N SER A 14 -14.62 8.87 -5.05
CA SER A 14 -15.19 10.14 -5.53
C SER A 14 -14.25 11.33 -5.44
N GLY A 15 -13.56 11.50 -4.32
CA GLY A 15 -12.84 12.74 -4.08
C GLY A 15 -11.33 12.61 -4.10
N ARG A 16 -10.81 11.50 -3.61
CA ARG A 16 -9.38 11.41 -3.35
C ARG A 16 -8.61 10.84 -4.55
N CYS A 17 -7.29 10.91 -4.45
CA CYS A 17 -6.40 10.42 -5.49
C CYS A 17 -5.21 9.74 -4.83
N ILE A 18 -5.29 8.42 -4.70
CA ILE A 18 -4.30 7.68 -3.93
C ILE A 18 -3.44 6.83 -4.87
N PRO A 19 -2.12 6.79 -4.65
CA PRO A 19 -1.22 6.00 -5.50
C PRO A 19 -1.58 4.51 -5.53
N ILE A 20 -1.21 3.85 -6.61
CA ILE A 20 -1.49 2.42 -6.78
C ILE A 20 -0.84 1.57 -5.68
N SER A 21 -1.48 0.43 -5.38
CA SER A 21 -1.00 -0.55 -4.39
C SER A 21 -1.37 -0.11 -2.98
N TRP A 22 -1.70 1.16 -2.84
CA TRP A 22 -2.14 1.70 -1.55
C TRP A 22 -3.47 1.08 -1.13
N THR A 23 -4.31 0.85 -2.11
CA THR A 23 -5.65 0.31 -1.87
C THR A 23 -5.61 -1.02 -1.16
N CYS A 24 -4.94 -1.99 -1.75
CA CYS A 24 -4.73 -3.25 -1.11
C CYS A 24 -3.45 -3.20 -0.27
N ASP A 25 -3.58 -2.80 0.99
CA ASP A 25 -2.43 -2.63 1.87
C ASP A 25 -2.48 -3.65 3.01
N LEU A 26 -3.55 -3.57 3.81
CA LEU A 26 -3.83 -4.54 4.87
C LEU A 26 -5.14 -4.15 5.54
N ASP A 27 -5.34 -2.85 5.68
CA ASP A 27 -6.61 -2.31 6.14
C ASP A 27 -7.08 -1.27 5.12
N ASP A 28 -8.35 -0.90 5.18
CA ASP A 28 -8.93 -0.02 4.16
C ASP A 28 -8.25 1.33 4.12
N ASP A 29 -7.70 1.67 2.96
CA ASP A 29 -7.18 3.00 2.75
C ASP A 29 -8.37 3.93 2.66
N CYS A 30 -8.96 3.98 1.49
CA CYS A 30 -10.34 4.44 1.33
C CYS A 30 -10.86 4.28 -0.09
N GLY A 31 -10.14 3.51 -0.90
CA GLY A 31 -10.42 3.41 -2.33
C GLY A 31 -11.89 3.30 -2.66
N ASP A 32 -12.57 2.39 -2.00
CA ASP A 32 -14.02 2.27 -2.18
C ASP A 32 -14.67 2.16 -0.80
N ARG A 33 -14.03 2.78 0.20
CA ARG A 33 -14.56 2.76 1.58
C ARG A 33 -14.54 1.34 2.08
N SER A 34 -13.69 0.59 1.43
CA SER A 34 -13.55 -0.84 1.60
C SER A 34 -12.61 -1.34 0.51
N ASP A 35 -11.61 -0.53 0.16
CA ASP A 35 -10.64 -0.89 -0.91
C ASP A 35 -9.77 -2.11 -0.55
N GLU A 36 -10.15 -2.81 0.50
CA GLU A 36 -9.50 -4.05 0.92
C GLU A 36 -10.37 -5.24 0.57
N SER A 37 -11.46 -4.98 -0.12
CA SER A 37 -12.40 -6.00 -0.50
C SER A 37 -13.07 -5.63 -1.81
N ALA A 38 -13.39 -6.65 -2.61
CA ALA A 38 -14.03 -6.48 -3.91
C ALA A 38 -13.07 -5.89 -4.94
N SER A 39 -11.89 -5.55 -4.48
CA SER A 39 -10.79 -5.23 -5.34
C SER A 39 -9.81 -6.39 -5.26
N CYS A 40 -9.18 -6.51 -4.10
CA CYS A 40 -8.34 -7.65 -3.81
C CYS A 40 -9.10 -8.73 -3.06
N ALA A 41 -8.78 -9.99 -3.32
CA ALA A 41 -9.30 -11.11 -2.55
C ALA A 41 -8.24 -11.58 -1.56
N TYR A 42 -7.08 -10.93 -1.65
CA TYR A 42 -5.92 -11.21 -0.79
C TYR A 42 -5.52 -12.68 -0.80
N PRO A 43 -4.80 -13.10 -1.86
CA PRO A 43 -4.14 -14.42 -1.88
C PRO A 43 -2.83 -14.37 -1.10
N THR A 44 -2.27 -13.17 -1.01
CA THR A 44 -1.07 -12.92 -0.24
C THR A 44 -1.15 -11.54 0.39
N CYS A 45 -0.81 -10.55 -0.40
CA CYS A 45 -0.79 -9.15 0.04
C CYS A 45 -0.92 -8.21 -1.13
N PHE A 46 0.10 -8.23 -1.98
CA PHE A 46 0.28 -7.22 -3.01
C PHE A 46 -0.77 -7.34 -4.11
N PRO A 47 -1.36 -6.21 -4.50
CA PRO A 47 -2.15 -6.12 -5.72
C PRO A 47 -1.30 -5.71 -6.91
N LEU A 48 -0.20 -5.02 -6.61
CA LEU A 48 0.64 -4.39 -7.62
C LEU A 48 2.08 -4.26 -7.14
N THR A 49 2.30 -3.43 -6.13
CA THR A 49 3.64 -3.16 -5.61
C THR A 49 3.58 -3.00 -4.10
N GLN A 50 3.78 -4.09 -3.41
CA GLN A 50 3.74 -4.14 -1.95
C GLN A 50 4.92 -4.93 -1.41
N PHE A 51 5.29 -4.63 -0.19
CA PHE A 51 6.28 -5.42 0.54
C PHE A 51 5.53 -6.19 1.63
N THR A 52 6.01 -7.37 1.96
CA THR A 52 5.37 -8.17 2.99
C THR A 52 6.27 -8.26 4.22
N CYS A 53 5.92 -7.53 5.28
CA CYS A 53 6.62 -7.65 6.56
C CYS A 53 6.70 -9.12 6.99
N ASN A 54 7.89 -9.56 7.36
CA ASN A 54 8.15 -10.96 7.69
C ASN A 54 7.24 -11.49 8.79
N ASN A 55 6.75 -10.62 9.67
CA ASN A 55 5.89 -11.03 10.76
C ASN A 55 4.45 -11.29 10.29
N GLY A 56 4.23 -11.22 8.98
CA GLY A 56 2.93 -11.60 8.43
C GLY A 56 2.09 -10.41 8.03
N ARG A 57 2.67 -9.23 8.10
CA ARG A 57 1.97 -8.01 7.73
C ARG A 57 2.24 -7.68 6.27
N CYS A 58 1.33 -6.99 5.66
CA CYS A 58 1.52 -6.50 4.31
C CYS A 58 1.72 -4.99 4.37
N ILE A 59 2.73 -4.49 3.66
CA ILE A 59 2.98 -3.05 3.65
C ILE A 59 3.16 -2.53 2.23
N ASN A 60 3.06 -1.22 2.07
CA ASN A 60 3.26 -0.62 0.76
C ASN A 60 4.69 -0.77 0.31
N ILE A 61 4.91 -0.84 -1.00
CA ILE A 61 6.26 -0.86 -1.54
C ILE A 61 6.92 0.51 -1.38
N ASN A 62 6.12 1.45 -0.86
CA ASN A 62 6.50 2.86 -0.80
C ASN A 62 6.99 3.25 0.59
N TRP A 63 7.39 2.26 1.38
CA TRP A 63 7.87 2.50 2.75
C TRP A 63 9.38 2.33 2.81
N ARG A 64 9.99 2.36 1.64
CA ARG A 64 11.45 2.32 1.51
C ARG A 64 12.08 3.51 2.23
N CYS A 65 12.41 3.36 3.49
CA CYS A 65 13.07 4.42 4.23
C CYS A 65 14.56 4.41 3.94
N ASP A 66 15.11 3.22 3.95
CA ASP A 66 16.55 3.04 3.87
C ASP A 66 16.93 2.18 2.67
N ASN A 67 16.52 0.92 2.70
CA ASN A 67 16.84 -0.01 1.64
C ASN A 67 15.57 -0.65 1.07
N ASP A 68 14.92 -1.47 1.87
CA ASP A 68 13.67 -2.11 1.51
C ASP A 68 12.52 -1.47 2.31
N ASN A 69 11.47 -2.23 2.56
CA ASN A 69 10.33 -1.68 3.27
C ASN A 69 10.15 -2.36 4.63
N ASP A 70 9.68 -1.59 5.61
CA ASP A 70 9.35 -2.15 6.91
C ASP A 70 8.04 -1.57 7.41
N CYS A 71 7.67 -1.89 8.65
CA CYS A 71 6.39 -1.46 9.21
C CYS A 71 6.50 -1.17 10.69
N GLY A 72 6.66 -2.21 11.50
CA GLY A 72 6.82 -2.01 12.92
C GLY A 72 7.36 -3.23 13.64
N ASP A 73 7.85 -4.21 12.88
CA ASP A 73 8.42 -5.39 13.47
C ASP A 73 9.93 -5.38 13.30
N ASN A 74 10.35 -5.69 12.07
CA ASN A 74 11.76 -5.70 11.69
C ASN A 74 11.87 -6.21 10.26
N SER A 75 11.41 -5.40 9.31
CA SER A 75 11.42 -5.82 7.92
C SER A 75 12.70 -5.39 7.22
N ASP A 76 12.69 -4.19 6.67
CA ASP A 76 13.89 -3.65 6.05
C ASP A 76 14.97 -3.44 7.09
N GLU A 77 14.64 -2.63 8.09
CA GLU A 77 15.59 -2.24 9.11
C GLU A 77 14.92 -2.06 10.49
N ALA A 78 13.66 -1.63 10.45
CA ALA A 78 12.86 -1.39 11.64
C ALA A 78 13.34 -0.18 12.42
N GLY A 79 13.30 0.99 11.78
CA GLY A 79 13.66 2.21 12.45
C GLY A 79 14.10 3.28 11.48
N CYS A 80 13.17 3.78 10.66
CA CYS A 80 13.44 4.86 9.71
C CYS A 80 14.06 6.08 10.40
N SER A 81 13.85 6.20 11.70
CA SER A 81 14.43 7.29 12.48
C SER A 81 14.54 6.88 13.94
N HIS A 82 13.44 6.41 14.51
CA HIS A 82 13.40 5.94 15.88
C HIS A 82 12.19 5.02 16.08
N SER A 1 -8.79 19.05 -12.88
CA SER A 1 -9.91 18.08 -12.82
C SER A 1 -9.39 16.66 -12.97
N ALA A 2 -10.03 15.71 -12.31
CA ALA A 2 -9.63 14.32 -12.39
C ALA A 2 -10.82 13.40 -12.12
N ARG A 3 -10.66 12.13 -12.43
CA ARG A 3 -11.68 11.13 -12.16
C ARG A 3 -11.06 9.81 -11.75
N THR A 4 -9.95 9.46 -12.39
CA THR A 4 -9.24 8.23 -12.07
C THR A 4 -7.88 8.51 -11.45
N CYS A 5 -7.61 9.80 -11.18
CA CYS A 5 -6.35 10.24 -10.59
C CYS A 5 -5.20 10.09 -11.60
N PRO A 6 -4.05 10.76 -11.36
CA PRO A 6 -2.89 10.64 -12.24
C PRO A 6 -2.20 9.28 -12.12
N PRO A 7 -1.24 8.98 -13.01
CA PRO A 7 -0.47 7.73 -12.94
C PRO A 7 0.14 7.50 -11.56
N ASN A 8 0.11 6.24 -11.12
CA ASN A 8 0.65 5.82 -9.82
C ASN A 8 -0.24 6.34 -8.68
N GLN A 9 -1.48 6.67 -9.03
CA GLN A 9 -2.44 7.15 -8.05
C GLN A 9 -3.72 6.34 -8.12
N PHE A 10 -4.68 6.70 -7.29
CA PHE A 10 -5.96 6.02 -7.22
C PHE A 10 -7.03 7.00 -6.76
N SER A 11 -8.20 6.93 -7.35
CA SER A 11 -9.27 7.84 -6.99
C SER A 11 -10.33 7.15 -6.16
N CYS A 12 -10.46 7.64 -4.94
CA CYS A 12 -11.54 7.23 -4.06
C CYS A 12 -12.88 7.52 -4.75
N ALA A 13 -13.83 6.61 -4.57
CA ALA A 13 -15.11 6.59 -5.31
C ALA A 13 -15.58 7.95 -5.77
N SER A 14 -15.35 8.22 -7.05
CA SER A 14 -15.84 9.41 -7.76
C SER A 14 -15.70 10.69 -6.94
N GLY A 15 -14.49 11.24 -6.91
CA GLY A 15 -14.32 12.54 -6.32
C GLY A 15 -12.96 12.73 -5.65
N ARG A 16 -12.54 11.74 -4.89
CA ARG A 16 -11.33 11.88 -4.10
C ARG A 16 -10.13 11.37 -4.90
N CYS A 17 -8.93 11.52 -4.36
CA CYS A 17 -7.72 11.19 -5.09
C CYS A 17 -6.60 10.89 -4.11
N ILE A 18 -6.21 9.63 -4.05
CA ILE A 18 -5.17 9.19 -3.16
C ILE A 18 -4.05 8.56 -4.00
N PRO A 19 -2.85 8.33 -3.43
CA PRO A 19 -1.79 7.63 -4.13
C PRO A 19 -2.03 6.13 -4.16
N ILE A 20 -1.35 5.42 -5.06
CA ILE A 20 -1.45 3.98 -5.14
C ILE A 20 -0.60 3.34 -4.05
N SER A 21 -0.74 2.02 -3.90
CA SER A 21 -0.08 1.26 -2.83
C SER A 21 -0.83 1.46 -1.51
N TRP A 22 -1.96 2.15 -1.60
CA TRP A 22 -2.79 2.43 -0.42
C TRP A 22 -4.03 1.54 -0.35
N THR A 23 -4.51 1.12 -1.51
CA THR A 23 -5.81 0.50 -1.62
C THR A 23 -5.92 -0.85 -0.90
N CYS A 24 -5.37 -1.84 -1.54
CA CYS A 24 -5.54 -3.22 -1.14
C CYS A 24 -4.44 -3.71 -0.20
N ASP A 25 -4.59 -3.51 1.11
CA ASP A 25 -3.62 -4.06 2.06
C ASP A 25 -4.23 -4.40 3.42
N LEU A 26 -4.32 -3.45 4.34
CA LEU A 26 -4.70 -3.80 5.71
C LEU A 26 -5.56 -2.76 6.45
N ASP A 27 -5.43 -1.47 6.17
CA ASP A 27 -6.16 -0.50 6.99
C ASP A 27 -7.13 0.42 6.19
N ASP A 28 -7.08 1.72 6.44
CA ASP A 28 -8.24 2.58 6.16
C ASP A 28 -8.00 3.62 5.05
N ASP A 29 -8.39 3.26 3.84
CA ASP A 29 -8.52 4.22 2.75
C ASP A 29 -9.94 4.20 2.21
N CYS A 30 -10.11 4.34 0.91
CA CYS A 30 -11.43 4.31 0.30
C CYS A 30 -11.34 4.22 -1.21
N GLY A 31 -11.52 3.03 -1.73
CA GLY A 31 -11.83 2.88 -3.13
C GLY A 31 -13.30 3.05 -3.31
N ASP A 32 -14.01 2.55 -2.31
CA ASP A 32 -15.43 2.80 -2.16
C ASP A 32 -15.81 2.45 -0.73
N ARG A 33 -15.32 3.29 0.18
CA ARG A 33 -15.45 3.10 1.63
C ARG A 33 -14.70 1.85 2.11
N SER A 34 -14.63 0.83 1.27
CA SER A 34 -13.85 -0.36 1.56
C SER A 34 -13.23 -0.90 0.28
N ASP A 35 -12.07 -0.35 -0.07
CA ASP A 35 -11.25 -0.87 -1.18
C ASP A 35 -10.41 -2.03 -0.70
N GLU A 36 -11.00 -2.75 0.24
CA GLU A 36 -10.33 -3.86 0.89
C GLU A 36 -10.90 -5.17 0.36
N SER A 37 -10.10 -5.81 -0.49
CA SER A 37 -10.44 -7.09 -1.09
C SER A 37 -11.62 -6.96 -2.07
N ALA A 38 -11.94 -5.72 -2.43
CA ALA A 38 -13.03 -5.46 -3.37
C ALA A 38 -12.50 -5.29 -4.77
N SER A 39 -11.25 -5.69 -4.96
CA SER A 39 -10.60 -5.57 -6.24
C SER A 39 -9.40 -6.51 -6.30
N CYS A 40 -8.53 -6.38 -5.31
CA CYS A 40 -7.31 -7.17 -5.27
C CYS A 40 -7.50 -8.45 -4.46
N ALA A 41 -7.10 -9.57 -5.06
CA ALA A 41 -7.01 -10.81 -4.33
C ALA A 41 -5.61 -10.95 -3.74
N TYR A 42 -5.46 -10.50 -2.50
CA TYR A 42 -4.15 -10.38 -1.85
C TYR A 42 -3.39 -11.71 -1.84
N PRO A 43 -2.32 -11.82 -2.62
CA PRO A 43 -1.42 -12.97 -2.57
C PRO A 43 -0.33 -12.76 -1.54
N THR A 44 -0.11 -11.50 -1.21
CA THR A 44 0.91 -11.09 -0.27
C THR A 44 0.80 -9.58 -0.02
N CYS A 45 -0.41 -9.04 -0.28
CA CYS A 45 -0.65 -7.59 -0.28
C CYS A 45 0.10 -6.91 -1.42
N PHE A 46 -0.65 -6.25 -2.29
CA PHE A 46 -0.08 -5.57 -3.43
C PHE A 46 -1.13 -4.70 -4.10
N PRO A 47 -1.44 -3.55 -3.48
CA PRO A 47 -2.28 -2.53 -4.09
C PRO A 47 -1.48 -1.70 -5.06
N LEU A 48 -0.73 -2.41 -5.90
CA LEU A 48 0.29 -1.82 -6.76
C LEU A 48 1.48 -1.36 -5.92
N THR A 49 2.63 -1.95 -6.21
CA THR A 49 3.90 -1.57 -5.61
C THR A 49 3.91 -1.73 -4.08
N GLN A 50 4.16 -2.95 -3.59
CA GLN A 50 4.18 -3.20 -2.15
C GLN A 50 5.13 -4.33 -1.76
N PHE A 51 5.26 -4.50 -0.45
CA PHE A 51 6.08 -5.53 0.18
C PHE A 51 5.34 -6.00 1.45
N THR A 52 5.89 -6.97 2.17
CA THR A 52 5.25 -7.42 3.40
C THR A 52 6.28 -7.63 4.51
N CYS A 53 6.08 -6.93 5.62
CA CYS A 53 6.91 -7.16 6.82
C CYS A 53 6.76 -8.60 7.31
N ASN A 54 7.82 -9.15 7.87
CA ASN A 54 7.78 -10.51 8.42
C ASN A 54 6.88 -10.57 9.65
N ASN A 55 6.57 -9.40 10.20
CA ASN A 55 5.61 -9.29 11.30
C ASN A 55 4.21 -9.72 10.86
N GLY A 56 4.00 -9.75 9.54
CA GLY A 56 2.68 -10.03 9.01
C GLY A 56 2.01 -8.78 8.49
N ARG A 57 2.80 -7.72 8.40
CA ARG A 57 2.30 -6.44 7.92
C ARG A 57 2.48 -6.32 6.42
N CYS A 58 1.66 -5.51 5.80
CA CYS A 58 1.81 -5.22 4.39
C CYS A 58 2.31 -3.78 4.23
N ILE A 59 3.45 -3.61 3.57
CA ILE A 59 4.07 -2.30 3.51
C ILE A 59 4.27 -1.81 2.09
N ASN A 60 4.42 -0.50 1.95
CA ASN A 60 4.62 0.10 0.65
C ASN A 60 6.02 -0.24 0.15
N ILE A 61 6.18 -0.29 -1.16
CA ILE A 61 7.46 -0.67 -1.74
C ILE A 61 8.51 0.45 -1.55
N ASN A 62 8.04 1.61 -1.10
CA ASN A 62 8.90 2.77 -0.92
C ASN A 62 9.53 2.76 0.47
N TRP A 63 9.44 1.63 1.15
CA TRP A 63 10.02 1.48 2.49
C TRP A 63 11.27 0.60 2.39
N ARG A 64 11.65 0.40 1.12
CA ARG A 64 12.91 -0.23 0.76
C ARG A 64 14.02 0.80 0.91
N CYS A 65 14.73 0.78 2.03
CA CYS A 65 15.62 1.88 2.38
C CYS A 65 17.07 1.43 2.50
N ASP A 66 17.31 0.63 3.50
CA ASP A 66 18.68 0.28 3.91
C ASP A 66 19.25 -0.81 3.02
N ASN A 67 18.63 -1.98 3.07
CA ASN A 67 19.02 -3.08 2.22
C ASN A 67 17.86 -3.47 1.31
N ASP A 68 16.72 -3.69 1.92
CA ASP A 68 15.49 -4.01 1.22
C ASP A 68 14.35 -3.22 1.87
N ASN A 69 13.15 -3.80 1.95
CA ASN A 69 11.94 -3.04 2.29
C ASN A 69 11.48 -3.34 3.70
N ASP A 70 11.29 -2.29 4.50
CA ASP A 70 10.98 -2.46 5.92
C ASP A 70 9.79 -1.62 6.37
N CYS A 71 9.63 -1.53 7.70
CA CYS A 71 8.49 -0.86 8.31
C CYS A 71 8.77 -0.54 9.78
N GLY A 72 9.02 -1.57 10.57
CA GLY A 72 9.27 -1.38 11.99
C GLY A 72 9.05 -2.64 12.80
N ASP A 73 9.70 -3.72 12.38
CA ASP A 73 9.72 -4.97 13.16
C ASP A 73 10.98 -5.75 12.84
N ASN A 74 11.00 -6.34 11.65
CA ASN A 74 12.15 -7.04 11.12
C ASN A 74 11.79 -7.48 9.71
N SER A 75 11.46 -6.52 8.88
CA SER A 75 11.01 -6.81 7.53
C SER A 75 12.20 -7.09 6.64
N ASP A 76 12.95 -6.04 6.40
CA ASP A 76 14.21 -6.15 5.72
C ASP A 76 15.30 -6.34 6.77
N GLU A 77 15.35 -5.37 7.67
CA GLU A 77 16.36 -5.34 8.73
C GLU A 77 15.96 -4.46 9.93
N ALA A 78 14.73 -3.92 9.89
CA ALA A 78 14.16 -3.12 10.98
C ALA A 78 14.80 -1.74 11.09
N GLY A 79 15.31 -1.24 9.97
CA GLY A 79 15.93 0.08 9.96
C GLY A 79 15.05 1.13 9.33
N CYS A 80 15.60 1.85 8.36
CA CYS A 80 14.91 2.96 7.69
C CYS A 80 14.30 3.93 8.70
N SER A 81 14.90 4.02 9.88
CA SER A 81 14.39 4.87 10.94
C SER A 81 15.37 6.02 11.21
N HIS A 82 16.24 6.29 10.25
CA HIS A 82 17.22 7.35 10.38
C HIS A 82 17.67 7.82 9.00
N SER A 1 -5.72 12.85 -12.51
CA SER A 1 -4.90 13.47 -13.59
C SER A 1 -5.65 13.39 -14.92
N ALA A 2 -5.93 12.16 -15.36
CA ALA A 2 -6.80 11.94 -16.49
C ALA A 2 -8.23 11.81 -16.00
N ARG A 3 -8.98 10.85 -16.52
CA ARG A 3 -10.29 10.54 -15.96
C ARG A 3 -10.09 9.98 -14.55
N THR A 4 -8.93 9.36 -14.34
CA THR A 4 -8.57 8.80 -13.06
C THR A 4 -7.14 9.23 -12.69
N CYS A 5 -6.46 8.43 -11.87
CA CYS A 5 -5.10 8.73 -11.45
C CYS A 5 -4.08 8.06 -12.37
N PRO A 6 -2.81 8.47 -12.32
CA PRO A 6 -1.73 7.86 -13.13
C PRO A 6 -1.61 6.36 -12.90
N PRO A 7 -0.98 5.62 -13.84
CA PRO A 7 -0.83 4.16 -13.75
C PRO A 7 -0.06 3.71 -12.51
N ASN A 8 0.81 4.56 -12.00
CA ASN A 8 1.56 4.26 -10.79
C ASN A 8 0.87 4.84 -9.57
N GLN A 9 -0.38 5.21 -9.76
CA GLN A 9 -1.23 5.75 -8.71
C GLN A 9 -2.54 4.98 -8.72
N PHE A 10 -3.41 5.29 -7.80
CA PHE A 10 -4.70 4.67 -7.73
C PHE A 10 -5.76 5.71 -7.41
N SER A 11 -6.89 5.61 -8.08
CA SER A 11 -7.91 6.61 -7.95
C SER A 11 -9.07 6.07 -7.14
N CYS A 12 -9.18 6.55 -5.92
CA CYS A 12 -10.30 6.23 -5.09
C CYS A 12 -11.57 6.73 -5.75
N ALA A 13 -12.63 5.92 -5.68
CA ALA A 13 -13.84 6.06 -6.49
C ALA A 13 -14.13 7.48 -6.96
N SER A 14 -13.71 7.74 -8.20
CA SER A 14 -13.94 9.00 -8.92
C SER A 14 -13.79 10.22 -8.03
N GLY A 15 -12.55 10.65 -7.84
CA GLY A 15 -12.31 11.91 -7.15
C GLY A 15 -11.00 11.94 -6.41
N ARG A 16 -10.70 10.86 -5.72
CA ARG A 16 -9.51 10.82 -4.88
C ARG A 16 -8.33 10.27 -5.67
N CYS A 17 -7.13 10.47 -5.17
CA CYS A 17 -5.92 10.12 -5.88
C CYS A 17 -4.83 9.72 -4.91
N ILE A 18 -4.68 8.43 -4.74
CA ILE A 18 -3.69 7.89 -3.82
C ILE A 18 -2.65 7.12 -4.65
N PRO A 19 -1.50 6.73 -4.08
CA PRO A 19 -0.56 5.88 -4.79
C PRO A 19 -1.14 4.48 -4.97
N ILE A 20 -0.75 3.79 -6.03
CA ILE A 20 -1.27 2.47 -6.31
C ILE A 20 -0.67 1.46 -5.34
N SER A 21 -1.30 0.30 -5.26
CA SER A 21 -0.93 -0.75 -4.31
C SER A 21 -1.38 -0.39 -2.91
N TRP A 22 -1.89 0.83 -2.75
CA TRP A 22 -2.56 1.26 -1.53
C TRP A 22 -3.99 0.76 -1.50
N THR A 23 -4.26 -0.19 -2.37
CA THR A 23 -5.60 -0.71 -2.51
C THR A 23 -5.90 -1.67 -1.36
N CYS A 24 -5.52 -2.91 -1.50
CA CYS A 24 -5.59 -3.86 -0.42
C CYS A 24 -4.29 -3.86 0.37
N ASP A 25 -4.30 -3.19 1.51
CA ASP A 25 -3.10 -2.95 2.30
C ASP A 25 -3.34 -3.32 3.77
N LEU A 26 -4.57 -3.77 4.06
CA LEU A 26 -5.02 -4.16 5.41
C LEU A 26 -5.40 -2.95 6.25
N ASP A 27 -5.48 -1.80 5.61
CA ASP A 27 -5.98 -0.59 6.26
C ASP A 27 -6.93 0.14 5.31
N ASP A 28 -8.18 0.28 5.75
CA ASP A 28 -9.25 0.76 4.88
C ASP A 28 -9.18 2.28 4.70
N ASP A 29 -8.67 2.72 3.56
CA ASP A 29 -8.67 4.13 3.21
C ASP A 29 -9.97 4.48 2.51
N CYS A 30 -10.10 3.98 1.29
CA CYS A 30 -11.35 4.02 0.57
C CYS A 30 -11.23 3.19 -0.69
N GLY A 31 -10.37 3.62 -1.61
CA GLY A 31 -10.18 2.91 -2.86
C GLY A 31 -11.48 2.74 -3.62
N ASP A 32 -12.10 1.58 -3.45
CA ASP A 32 -13.38 1.28 -4.10
C ASP A 32 -14.48 2.00 -3.32
N ARG A 33 -14.19 2.12 -2.03
CA ARG A 33 -15.07 2.64 -1.00
C ARG A 33 -14.54 2.06 0.29
N SER A 34 -14.31 0.77 0.20
CA SER A 34 -13.58 0.00 1.16
C SER A 34 -12.60 -0.84 0.38
N ASP A 35 -11.43 -0.26 0.15
CA ASP A 35 -10.41 -0.79 -0.78
C ASP A 35 -9.84 -2.14 -0.39
N GLU A 36 -10.48 -2.81 0.54
CA GLU A 36 -10.11 -4.16 0.92
C GLU A 36 -11.11 -5.12 0.30
N SER A 37 -11.53 -4.80 -0.93
CA SER A 37 -12.53 -5.60 -1.62
C SER A 37 -12.06 -6.03 -3.01
N ALA A 38 -12.00 -5.08 -3.96
CA ALA A 38 -11.85 -5.42 -5.36
C ALA A 38 -10.41 -5.76 -5.77
N SER A 39 -9.45 -5.45 -4.92
CA SER A 39 -8.06 -5.66 -5.27
C SER A 39 -7.46 -6.84 -4.49
N CYS A 40 -8.13 -7.21 -3.41
CA CYS A 40 -7.67 -8.27 -2.52
C CYS A 40 -7.66 -9.64 -3.18
N ALA A 41 -6.49 -10.02 -3.71
CA ALA A 41 -6.24 -11.39 -4.11
C ALA A 41 -5.41 -12.07 -3.02
N TYR A 42 -4.51 -11.29 -2.44
CA TYR A 42 -3.66 -11.69 -1.32
C TYR A 42 -2.99 -13.06 -1.52
N PRO A 43 -1.94 -13.11 -2.37
CA PRO A 43 -1.05 -14.27 -2.42
C PRO A 43 -0.12 -14.27 -1.21
N THR A 44 -0.05 -13.10 -0.56
CA THR A 44 0.71 -12.88 0.65
C THR A 44 0.36 -11.51 1.22
N CYS A 45 0.72 -10.48 0.50
CA CYS A 45 0.36 -9.10 0.83
C CYS A 45 0.41 -8.21 -0.40
N PHE A 46 0.87 -8.77 -1.50
CA PHE A 46 1.03 -8.02 -2.73
C PHE A 46 -0.13 -8.26 -3.69
N PRO A 47 -0.96 -7.23 -3.91
CA PRO A 47 -1.91 -7.21 -4.99
C PRO A 47 -1.37 -6.49 -6.22
N LEU A 48 -0.34 -5.68 -6.00
CA LEU A 48 0.23 -4.83 -7.05
C LEU A 48 1.73 -4.66 -6.87
N THR A 49 2.15 -4.26 -5.67
CA THR A 49 3.57 -4.09 -5.37
C THR A 49 3.73 -3.71 -3.88
N GLN A 50 3.94 -4.72 -3.06
CA GLN A 50 3.84 -4.57 -1.61
C GLN A 50 4.94 -5.34 -0.88
N PHE A 51 4.95 -5.18 0.44
CA PHE A 51 5.81 -5.94 1.33
C PHE A 51 4.94 -6.40 2.49
N THR A 52 5.30 -7.50 3.14
CA THR A 52 4.50 -7.97 4.26
C THR A 52 5.25 -7.76 5.58
N CYS A 53 4.66 -6.97 6.46
CA CYS A 53 5.13 -6.93 7.84
C CYS A 53 5.19 -8.33 8.43
N ASN A 54 6.32 -8.67 9.04
CA ASN A 54 6.47 -9.97 9.69
C ASN A 54 5.57 -10.04 10.91
N ASN A 55 5.10 -8.87 11.34
CA ASN A 55 4.10 -8.76 12.38
C ASN A 55 2.76 -9.35 11.90
N GLY A 56 2.62 -9.50 10.58
CA GLY A 56 1.42 -10.07 10.01
C GLY A 56 0.65 -9.07 9.16
N ARG A 57 1.17 -7.86 9.03
CA ARG A 57 0.50 -6.82 8.26
C ARG A 57 1.01 -6.79 6.82
N CYS A 58 0.44 -5.91 6.03
CA CYS A 58 0.92 -5.64 4.69
C CYS A 58 1.36 -4.18 4.63
N ILE A 59 2.45 -3.90 3.94
CA ILE A 59 2.87 -2.53 3.73
C ILE A 59 3.30 -2.30 2.29
N ASN A 60 3.55 -1.05 1.94
CA ASN A 60 4.05 -0.70 0.61
C ASN A 60 5.44 -1.27 0.36
N ILE A 61 5.73 -1.60 -0.88
CA ILE A 61 7.06 -2.10 -1.25
C ILE A 61 8.05 -0.94 -1.38
N ASN A 62 7.53 0.27 -1.29
CA ASN A 62 8.33 1.47 -1.55
C ASN A 62 8.97 2.00 -0.26
N TRP A 63 9.00 1.16 0.76
CA TRP A 63 9.54 1.57 2.05
C TRP A 63 10.88 0.89 2.31
N ARG A 64 11.38 0.22 1.28
CA ARG A 64 12.72 -0.38 1.30
C ARG A 64 13.77 0.74 1.33
N CYS A 65 14.32 1.01 2.50
CA CYS A 65 15.23 2.15 2.65
C CYS A 65 16.64 1.71 3.01
N ASP A 66 16.83 1.38 4.28
CA ASP A 66 18.15 1.10 4.83
C ASP A 66 18.69 -0.22 4.30
N ASN A 67 18.14 -1.33 4.76
CA ASN A 67 18.49 -2.62 4.21
C ASN A 67 17.24 -3.44 3.89
N ASP A 68 16.15 -3.16 4.57
CA ASP A 68 14.90 -3.84 4.30
C ASP A 68 13.77 -2.83 4.13
N ASN A 69 12.53 -3.29 4.18
CA ASN A 69 11.38 -2.47 3.80
C ASN A 69 10.59 -2.04 5.02
N ASP A 70 10.75 -0.77 5.39
CA ASP A 70 10.29 -0.24 6.67
C ASP A 70 8.82 -0.53 6.96
N CYS A 71 8.59 -1.36 7.96
CA CYS A 71 7.24 -1.68 8.43
C CYS A 71 6.96 -0.97 9.75
N GLY A 72 8.00 -0.84 10.57
CA GLY A 72 7.84 -0.11 11.82
C GLY A 72 8.28 -0.87 13.06
N ASP A 73 8.17 -2.20 13.05
CA ASP A 73 8.45 -2.96 14.26
C ASP A 73 8.95 -4.36 13.93
N ASN A 74 10.25 -4.49 14.00
CA ASN A 74 10.95 -5.79 14.10
C ASN A 74 10.86 -6.63 12.84
N SER A 75 10.32 -6.07 11.78
CA SER A 75 10.18 -6.79 10.53
C SER A 75 11.40 -6.59 9.67
N ASP A 76 11.43 -5.42 9.09
CA ASP A 76 12.49 -4.96 8.22
C ASP A 76 13.74 -4.61 9.04
N GLU A 77 13.56 -3.65 9.92
CA GLU A 77 14.64 -3.07 10.72
C GLU A 77 14.11 -1.89 11.51
N ALA A 78 13.15 -1.20 10.90
CA ALA A 78 12.56 0.03 11.45
C ALA A 78 13.61 1.12 11.61
N GLY A 79 13.82 1.91 10.57
CA GLY A 79 14.84 2.93 10.61
C GLY A 79 14.69 4.02 9.57
N CYS A 80 13.86 3.78 8.56
CA CYS A 80 13.69 4.71 7.46
C CYS A 80 13.04 6.01 7.93
N SER A 81 13.85 7.06 8.03
CA SER A 81 13.37 8.36 8.48
C SER A 81 14.11 9.46 7.73
N HIS A 82 13.69 10.70 7.94
CA HIS A 82 14.31 11.85 7.31
C HIS A 82 14.67 12.85 8.39
N SER A 1 -15.57 17.65 -18.97
CA SER A 1 -14.39 17.07 -18.29
C SER A 1 -14.53 15.56 -18.15
N ALA A 2 -13.58 14.93 -17.47
CA ALA A 2 -13.58 13.48 -17.29
C ALA A 2 -13.64 13.11 -15.81
N ARG A 3 -13.46 11.82 -15.52
CA ARG A 3 -13.50 11.32 -14.15
C ARG A 3 -12.39 10.31 -13.92
N THR A 4 -12.56 9.49 -12.87
CA THR A 4 -11.64 8.39 -12.51
C THR A 4 -10.23 8.89 -12.19
N CYS A 5 -9.28 7.96 -12.11
CA CYS A 5 -7.93 8.25 -11.66
C CYS A 5 -6.94 7.49 -12.56
N PRO A 6 -5.76 8.08 -12.83
CA PRO A 6 -4.77 7.51 -13.76
C PRO A 6 -4.12 6.21 -13.22
N PRO A 7 -3.31 5.52 -14.05
CA PRO A 7 -2.52 4.36 -13.59
C PRO A 7 -1.62 4.69 -12.41
N ASN A 8 -1.30 3.66 -11.60
CA ASN A 8 -0.56 3.82 -10.33
C ASN A 8 -1.46 4.47 -9.29
N GLN A 9 -2.66 4.78 -9.71
CA GLN A 9 -3.62 5.50 -8.91
C GLN A 9 -4.95 4.80 -8.93
N PHE A 10 -5.76 5.15 -7.95
CA PHE A 10 -7.03 4.54 -7.75
C PHE A 10 -8.06 5.63 -7.46
N SER A 11 -9.19 5.53 -8.09
CA SER A 11 -10.29 6.43 -7.85
C SER A 11 -11.32 5.71 -7.00
N CYS A 12 -11.40 6.16 -5.76
CA CYS A 12 -12.22 5.55 -4.72
C CYS A 12 -13.70 5.45 -5.13
N ALA A 13 -14.53 6.29 -4.56
CA ALA A 13 -15.93 6.35 -4.91
C ALA A 13 -16.13 7.34 -6.06
N SER A 14 -15.32 7.16 -7.09
CA SER A 14 -15.25 8.08 -8.23
C SER A 14 -15.03 9.53 -7.78
N GLY A 15 -14.58 9.69 -6.53
CA GLY A 15 -14.33 11.01 -5.99
C GLY A 15 -12.87 11.21 -5.63
N ARG A 16 -12.35 10.35 -4.75
CA ARG A 16 -10.94 10.40 -4.40
C ARG A 16 -10.09 9.81 -5.52
N CYS A 17 -9.02 10.49 -5.84
CA CYS A 17 -8.04 10.04 -6.82
C CYS A 17 -6.71 9.85 -6.10
N ILE A 18 -6.46 8.62 -5.69
CA ILE A 18 -5.42 8.31 -4.70
C ILE A 18 -4.42 7.31 -5.28
N PRO A 19 -3.13 7.39 -4.94
CA PRO A 19 -2.17 6.37 -5.36
C PRO A 19 -2.53 5.03 -4.75
N ILE A 20 -2.48 3.97 -5.54
CA ILE A 20 -3.01 2.65 -5.13
C ILE A 20 -2.29 2.08 -3.89
N SER A 21 -1.16 2.67 -3.53
CA SER A 21 -0.46 2.29 -2.31
C SER A 21 -1.09 2.95 -1.08
N TRP A 22 -2.36 3.33 -1.24
CA TRP A 22 -3.14 3.92 -0.14
C TRP A 22 -4.37 3.10 0.20
N THR A 23 -4.80 2.24 -0.72
CA THR A 23 -6.04 1.47 -0.56
C THR A 23 -5.81 0.12 0.14
N CYS A 24 -5.33 -0.85 -0.61
CA CYS A 24 -5.13 -2.20 -0.14
C CYS A 24 -3.92 -2.31 0.80
N ASP A 25 -3.87 -1.43 1.78
CA ASP A 25 -2.69 -1.30 2.63
C ASP A 25 -3.03 -1.57 4.09
N LEU A 26 -4.13 -2.29 4.30
CA LEU A 26 -4.56 -2.71 5.65
C LEU A 26 -5.15 -1.53 6.41
N ASP A 27 -5.74 -0.60 5.66
CA ASP A 27 -6.45 0.55 6.21
C ASP A 27 -7.35 1.13 5.12
N ASP A 28 -8.64 0.81 5.22
CA ASP A 28 -9.61 1.16 4.18
C ASP A 28 -9.79 2.68 4.09
N ASP A 29 -9.22 3.28 3.05
CA ASP A 29 -9.34 4.73 2.87
C ASP A 29 -10.77 5.06 2.51
N CYS A 30 -11.29 4.34 1.53
CA CYS A 30 -12.70 4.31 1.22
C CYS A 30 -12.99 3.30 0.12
N GLY A 31 -12.62 3.68 -1.11
CA GLY A 31 -13.04 2.94 -2.28
C GLY A 31 -14.55 2.85 -2.37
N ASP A 32 -15.10 1.83 -1.73
CA ASP A 32 -16.54 1.69 -1.59
C ASP A 32 -16.83 1.33 -0.15
N ARG A 33 -16.00 1.88 0.73
CA ARG A 33 -16.00 1.54 2.17
C ARG A 33 -15.51 0.12 2.30
N SER A 34 -14.80 -0.27 1.26
CA SER A 34 -14.26 -1.61 1.09
C SER A 34 -13.25 -1.59 -0.04
N ASP A 35 -12.60 -0.42 -0.25
CA ASP A 35 -11.58 -0.27 -1.32
C ASP A 35 -10.64 -1.45 -1.39
N GLU A 36 -10.26 -1.94 -0.24
CA GLU A 36 -9.31 -3.03 -0.18
C GLU A 36 -9.97 -4.32 0.29
N SER A 37 -10.82 -4.17 1.28
CA SER A 37 -11.41 -5.31 1.99
C SER A 37 -12.27 -6.17 1.07
N ALA A 38 -12.93 -5.54 0.11
CA ALA A 38 -13.79 -6.28 -0.81
C ALA A 38 -13.22 -6.30 -2.22
N SER A 39 -12.03 -5.74 -2.39
CA SER A 39 -11.42 -5.65 -3.71
C SER A 39 -10.13 -6.45 -3.79
N CYS A 40 -9.23 -6.26 -2.83
CA CYS A 40 -7.95 -6.91 -2.90
C CYS A 40 -7.97 -8.26 -2.20
N ALA A 41 -7.97 -9.31 -3.00
CA ALA A 41 -7.74 -10.65 -2.49
C ALA A 41 -6.23 -10.84 -2.31
N TYR A 42 -5.73 -10.41 -1.16
CA TYR A 42 -4.29 -10.31 -0.91
C TYR A 42 -3.59 -11.66 -1.07
N PRO A 43 -2.78 -11.81 -2.13
CA PRO A 43 -1.94 -12.99 -2.32
C PRO A 43 -0.60 -12.84 -1.61
N THR A 44 -0.08 -11.62 -1.63
CA THR A 44 1.17 -11.28 -0.95
C THR A 44 1.17 -9.78 -0.64
N CYS A 45 -0.02 -9.17 -0.70
CA CYS A 45 -0.18 -7.73 -0.53
C CYS A 45 0.62 -6.95 -1.56
N PHE A 46 0.09 -6.88 -2.78
CA PHE A 46 0.73 -6.16 -3.87
C PHE A 46 -0.21 -6.07 -5.07
N PRO A 47 -1.12 -5.10 -5.06
CA PRO A 47 -1.95 -4.76 -6.20
C PRO A 47 -1.36 -3.59 -6.99
N LEU A 48 -0.28 -3.04 -6.46
CA LEU A 48 0.36 -1.89 -7.07
C LEU A 48 1.82 -1.81 -6.68
N THR A 49 2.06 -1.66 -5.40
CA THR A 49 3.34 -1.25 -4.89
C THR A 49 3.32 -1.28 -3.36
N GLN A 50 3.79 -2.40 -2.82
CA GLN A 50 3.81 -2.63 -1.38
C GLN A 50 4.96 -3.56 -1.03
N PHE A 51 5.11 -3.86 0.24
CA PHE A 51 6.10 -4.81 0.70
C PHE A 51 5.45 -5.77 1.69
N THR A 52 5.92 -6.99 1.73
CA THR A 52 5.34 -7.99 2.59
C THR A 52 6.26 -8.23 3.78
N CYS A 53 5.95 -7.60 4.90
CA CYS A 53 6.76 -7.74 6.08
C CYS A 53 6.79 -9.19 6.57
N ASN A 54 7.98 -9.66 6.89
CA ASN A 54 8.19 -11.03 7.33
C ASN A 54 7.59 -11.25 8.71
N ASN A 55 7.32 -10.14 9.40
CA ASN A 55 6.59 -10.18 10.67
C ASN A 55 5.18 -10.72 10.46
N GLY A 56 4.71 -10.65 9.21
CA GLY A 56 3.41 -11.17 8.87
C GLY A 56 2.48 -10.06 8.43
N ARG A 57 2.95 -8.85 8.62
CA ARG A 57 2.20 -7.66 8.25
C ARG A 57 2.58 -7.23 6.85
N CYS A 58 1.72 -6.48 6.19
CA CYS A 58 2.05 -5.95 4.88
C CYS A 58 2.31 -4.47 4.99
N ILE A 59 3.48 -4.03 4.56
CA ILE A 59 3.81 -2.62 4.61
C ILE A 59 3.92 -2.07 3.19
N ASN A 60 4.35 -0.82 3.05
CA ASN A 60 4.49 -0.25 1.72
C ASN A 60 5.90 -0.49 1.20
N ILE A 61 6.08 -0.37 -0.10
CA ILE A 61 7.40 -0.58 -0.70
C ILE A 61 8.30 0.64 -0.45
N ASN A 62 7.70 1.68 0.15
CA ASN A 62 8.41 2.91 0.44
C ASN A 62 8.82 2.97 1.91
N TRP A 63 9.12 1.82 2.49
CA TRP A 63 9.52 1.76 3.91
C TRP A 63 11.01 1.48 4.03
N ARG A 64 11.69 1.67 2.91
CA ARG A 64 13.15 1.63 2.87
C ARG A 64 13.70 2.89 3.51
N CYS A 65 14.17 2.81 4.75
CA CYS A 65 14.73 3.99 5.40
C CYS A 65 16.24 4.00 5.28
N ASP A 66 16.81 2.82 5.05
CA ASP A 66 18.25 2.69 4.86
C ASP A 66 18.59 1.63 3.82
N ASN A 67 18.08 0.41 3.99
CA ASN A 67 18.36 -0.65 3.05
C ASN A 67 17.07 -1.30 2.54
N ASP A 68 16.39 -2.05 3.38
CA ASP A 68 15.12 -2.67 2.99
C ASP A 68 13.98 -1.98 3.73
N ASN A 69 12.83 -2.64 3.85
CA ASN A 69 11.61 -1.96 4.26
C ASN A 69 11.29 -2.23 5.71
N ASP A 70 11.37 -1.14 6.48
CA ASP A 70 11.36 -1.17 7.93
C ASP A 70 10.15 -1.87 8.54
N CYS A 71 10.44 -2.82 9.39
CA CYS A 71 9.45 -3.43 10.24
C CYS A 71 9.88 -3.34 11.69
N GLY A 72 11.20 -3.26 11.90
CA GLY A 72 11.74 -3.27 13.24
C GLY A 72 11.77 -4.65 13.83
N ASP A 73 11.38 -5.65 13.03
CA ASP A 73 11.28 -7.02 13.50
C ASP A 73 11.65 -8.03 12.42
N ASN A 74 12.95 -8.28 12.31
CA ASN A 74 13.52 -9.44 11.59
C ASN A 74 13.08 -9.54 10.12
N SER A 75 12.49 -8.48 9.58
CA SER A 75 11.99 -8.52 8.22
C SER A 75 13.05 -8.03 7.23
N ASP A 76 13.08 -6.72 7.09
CA ASP A 76 14.04 -6.03 6.24
C ASP A 76 15.47 -6.38 6.62
N GLU A 77 15.82 -6.03 7.85
CA GLU A 77 17.17 -6.18 8.36
C GLU A 77 17.24 -5.74 9.83
N ALA A 78 16.28 -4.90 10.23
CA ALA A 78 16.21 -4.34 11.57
C ALA A 78 17.26 -3.25 11.73
N GLY A 79 17.47 -2.51 10.65
CA GLY A 79 18.43 -1.42 10.65
C GLY A 79 17.82 -0.13 11.15
N CYS A 80 17.88 0.90 10.31
CA CYS A 80 17.34 2.22 10.64
C CYS A 80 17.92 2.74 11.96
N SER A 81 19.11 2.23 12.30
CA SER A 81 19.73 2.50 13.58
C SER A 81 20.35 3.90 13.61
N HIS A 82 20.84 4.35 12.46
CA HIS A 82 21.48 5.66 12.33
C HIS A 82 22.78 5.73 13.14
N SER A 1 -10.76 10.94 -16.58
CA SER A 1 -10.84 9.70 -17.39
C SER A 1 -12.11 8.91 -17.05
N ALA A 2 -12.11 8.24 -15.91
CA ALA A 2 -13.27 7.47 -15.48
C ALA A 2 -13.73 7.95 -14.11
N ARG A 3 -14.78 7.33 -13.59
CA ARG A 3 -15.35 7.70 -12.30
C ARG A 3 -14.55 7.05 -11.16
N THR A 4 -13.34 6.64 -11.46
CA THR A 4 -12.48 5.99 -10.49
C THR A 4 -11.04 6.50 -10.65
N CYS A 5 -10.92 7.76 -11.07
CA CYS A 5 -9.63 8.38 -11.33
C CYS A 5 -8.98 7.80 -12.59
N PRO A 6 -7.82 8.34 -13.03
CA PRO A 6 -7.07 7.77 -14.15
C PRO A 6 -6.69 6.30 -13.93
N PRO A 7 -6.38 5.55 -15.01
CA PRO A 7 -6.04 4.12 -14.91
C PRO A 7 -4.80 3.84 -14.03
N ASN A 8 -3.91 4.82 -13.94
CA ASN A 8 -2.71 4.69 -13.13
C ASN A 8 -2.97 5.25 -11.74
N GLN A 9 -4.24 5.42 -11.42
CA GLN A 9 -4.66 6.04 -10.19
C GLN A 9 -5.82 5.26 -9.59
N PHE A 10 -6.23 5.69 -8.42
CA PHE A 10 -7.34 5.10 -7.72
C PHE A 10 -8.17 6.20 -7.11
N SER A 11 -9.46 5.99 -6.97
CA SER A 11 -10.34 7.00 -6.47
C SER A 11 -10.80 6.65 -5.07
N CYS A 12 -10.27 7.39 -4.11
CA CYS A 12 -10.74 7.30 -2.74
C CYS A 12 -12.24 7.62 -2.72
N ALA A 13 -12.97 6.92 -1.85
CA ALA A 13 -14.44 6.88 -1.82
C ALA A 13 -15.11 8.11 -2.43
N SER A 14 -15.52 7.94 -3.68
CA SER A 14 -16.33 8.91 -4.43
C SER A 14 -15.87 10.35 -4.24
N GLY A 15 -14.80 10.74 -4.91
CA GLY A 15 -14.44 12.14 -4.94
C GLY A 15 -12.95 12.39 -4.89
N ARG A 16 -12.25 11.57 -4.13
CA ARG A 16 -10.82 11.79 -3.94
C ARG A 16 -10.03 11.01 -4.99
N CYS A 17 -8.78 11.38 -5.18
CA CYS A 17 -7.97 10.82 -6.24
C CYS A 17 -6.57 10.54 -5.72
N ILE A 18 -6.19 9.27 -5.71
CA ILE A 18 -4.92 8.85 -5.14
C ILE A 18 -4.21 7.95 -6.15
N PRO A 19 -2.88 7.97 -6.22
CA PRO A 19 -2.14 7.07 -7.11
C PRO A 19 -2.22 5.62 -6.64
N ILE A 20 -2.26 4.69 -7.60
CA ILE A 20 -2.39 3.26 -7.29
C ILE A 20 -1.39 2.79 -6.23
N SER A 21 -0.27 3.49 -6.13
CA SER A 21 0.82 3.14 -5.21
C SER A 21 0.50 3.47 -3.75
N TRP A 22 -0.78 3.63 -3.45
CA TRP A 22 -1.20 4.12 -2.12
C TRP A 22 -2.25 3.23 -1.45
N THR A 23 -3.14 2.67 -2.23
CA THR A 23 -4.31 2.03 -1.66
C THR A 23 -4.07 0.54 -1.38
N CYS A 24 -3.43 -0.14 -2.32
CA CYS A 24 -3.25 -1.57 -2.22
C CYS A 24 -1.95 -1.94 -1.53
N ASP A 25 -1.76 -1.41 -0.33
CA ASP A 25 -0.58 -1.73 0.47
C ASP A 25 -0.91 -1.72 1.97
N LEU A 26 -2.20 -1.87 2.26
CA LEU A 26 -2.73 -2.01 3.61
C LEU A 26 -2.84 -0.67 4.32
N ASP A 27 -3.91 0.05 3.99
CA ASP A 27 -4.30 1.29 4.67
C ASP A 27 -3.43 2.48 4.28
N ASP A 28 -4.11 3.61 4.03
CA ASP A 28 -3.46 4.93 3.92
C ASP A 28 -4.48 5.99 3.57
N ASP A 29 -5.14 5.82 2.43
CA ASP A 29 -6.11 6.81 1.97
C ASP A 29 -7.51 6.48 2.47
N CYS A 30 -8.18 5.56 1.82
CA CYS A 30 -9.49 5.09 2.24
C CYS A 30 -9.88 3.89 1.41
N GLY A 31 -9.43 3.87 0.15
CA GLY A 31 -9.86 2.87 -0.80
C GLY A 31 -11.35 2.85 -0.95
N ASP A 32 -11.97 2.03 -0.14
CA ASP A 32 -13.41 1.95 -0.02
C ASP A 32 -13.79 2.52 1.33
N ARG A 33 -13.30 1.86 2.37
CA ARG A 33 -13.41 2.35 3.75
C ARG A 33 -12.11 2.08 4.51
N SER A 34 -11.42 1.03 4.09
CA SER A 34 -10.13 0.65 4.66
C SER A 34 -9.21 0.19 3.54
N ASP A 35 -9.50 0.69 2.34
CA ASP A 35 -8.71 0.50 1.10
C ASP A 35 -8.75 -0.93 0.58
N GLU A 36 -8.81 -1.88 1.48
CA GLU A 36 -8.66 -3.28 1.12
C GLU A 36 -10.00 -3.99 1.15
N SER A 37 -10.87 -3.67 0.20
CA SER A 37 -12.17 -4.31 0.11
C SER A 37 -12.68 -4.33 -1.32
N ALA A 38 -12.55 -5.50 -1.96
CA ALA A 38 -13.04 -5.71 -3.33
C ALA A 38 -12.32 -4.81 -4.34
N SER A 39 -11.25 -4.19 -3.89
CA SER A 39 -10.42 -3.36 -4.74
C SER A 39 -9.10 -4.07 -4.98
N CYS A 40 -8.33 -4.19 -3.91
CA CYS A 40 -7.06 -4.88 -3.98
C CYS A 40 -7.27 -6.34 -3.59
N ALA A 41 -7.70 -6.56 -2.35
CA ALA A 41 -8.16 -7.88 -1.89
C ALA A 41 -7.12 -8.99 -2.12
N TYR A 42 -5.85 -8.61 -2.07
CA TYR A 42 -4.77 -9.56 -2.28
C TYR A 42 -4.63 -10.53 -1.10
N PRO A 43 -4.85 -11.83 -1.34
CA PRO A 43 -4.78 -12.85 -0.30
C PRO A 43 -3.36 -13.37 -0.08
N THR A 44 -2.39 -12.71 -0.71
CA THR A 44 -1.01 -13.14 -0.63
C THR A 44 -0.07 -11.94 -0.60
N CYS A 45 -0.65 -10.76 -0.36
CA CYS A 45 0.07 -9.48 -0.48
C CYS A 45 0.39 -9.22 -1.96
N PHE A 46 0.34 -7.97 -2.36
CA PHE A 46 0.47 -7.66 -3.77
C PHE A 46 1.75 -6.88 -4.05
N PRO A 47 2.48 -7.25 -5.12
CA PRO A 47 3.71 -6.56 -5.52
C PRO A 47 3.47 -5.18 -6.14
N LEU A 48 2.53 -4.41 -5.58
CA LEU A 48 2.36 -3.03 -6.00
C LEU A 48 3.35 -2.15 -5.28
N THR A 49 2.99 -1.79 -4.06
CA THR A 49 3.72 -0.77 -3.34
C THR A 49 3.72 -1.06 -1.85
N GLN A 50 3.91 -2.32 -1.51
CA GLN A 50 3.92 -2.74 -0.12
C GLN A 50 5.14 -3.61 0.19
N PHE A 51 5.61 -3.49 1.42
CA PHE A 51 6.73 -4.27 1.91
C PHE A 51 6.18 -5.29 2.88
N THR A 52 6.79 -6.44 2.97
CA THR A 52 6.23 -7.50 3.78
C THR A 52 7.02 -7.66 5.07
N CYS A 53 6.45 -7.15 6.16
CA CYS A 53 7.03 -7.37 7.47
C CYS A 53 7.19 -8.86 7.74
N ASN A 54 8.35 -9.26 8.29
CA ASN A 54 8.63 -10.67 8.54
C ASN A 54 7.67 -11.26 9.58
N ASN A 55 6.86 -10.38 10.19
CA ASN A 55 5.80 -10.80 11.08
C ASN A 55 4.74 -11.57 10.30
N GLY A 56 4.61 -11.21 9.02
CA GLY A 56 3.64 -11.85 8.16
C GLY A 56 2.72 -10.81 7.56
N ARG A 57 2.79 -9.62 8.11
CA ARG A 57 1.94 -8.53 7.69
C ARG A 57 2.67 -7.69 6.65
N CYS A 58 1.95 -7.02 5.78
CA CYS A 58 2.60 -6.15 4.83
C CYS A 58 2.40 -4.70 5.24
N ILE A 59 3.35 -3.87 4.88
CA ILE A 59 3.28 -2.46 5.17
C ILE A 59 3.46 -1.67 3.88
N ASN A 60 3.34 -0.36 3.96
CA ASN A 60 3.59 0.49 2.79
C ASN A 60 5.07 0.41 2.40
N ILE A 61 5.33 0.29 1.10
CA ILE A 61 6.69 0.08 0.58
C ILE A 61 7.59 1.31 0.80
N ASN A 62 7.01 2.43 1.22
CA ASN A 62 7.77 3.66 1.30
C ASN A 62 8.09 4.03 2.76
N TRP A 63 8.26 3.01 3.59
CA TRP A 63 8.63 3.21 4.99
C TRP A 63 10.08 2.78 5.18
N ARG A 64 10.84 3.01 4.14
CA ARG A 64 12.24 2.63 4.08
C ARG A 64 13.13 3.70 4.72
N CYS A 65 13.72 3.38 5.86
CA CYS A 65 14.75 4.25 6.42
C CYS A 65 16.07 3.98 5.72
N ASP A 66 16.23 2.75 5.27
CA ASP A 66 17.50 2.28 4.74
C ASP A 66 17.30 1.21 3.65
N ASN A 67 17.22 -0.05 4.06
CA ASN A 67 17.10 -1.17 3.16
C ASN A 67 15.74 -1.83 3.32
N ASP A 68 15.23 -1.80 4.55
CA ASP A 68 13.92 -2.36 4.85
C ASP A 68 12.96 -1.28 5.29
N ASN A 69 11.73 -1.64 5.59
CA ASN A 69 10.68 -0.65 5.78
C ASN A 69 10.02 -0.82 7.15
N ASP A 70 9.90 0.30 7.86
CA ASP A 70 9.35 0.38 9.22
C ASP A 70 8.05 -0.43 9.39
N CYS A 71 8.18 -1.65 9.87
CA CYS A 71 7.02 -2.47 10.14
C CYS A 71 6.92 -2.75 11.64
N GLY A 72 8.04 -2.58 12.35
CA GLY A 72 8.01 -2.70 13.80
C GLY A 72 8.52 -4.04 14.31
N ASP A 73 8.83 -4.97 13.41
CA ASP A 73 9.27 -6.29 13.82
C ASP A 73 10.76 -6.50 13.55
N ASN A 74 11.53 -5.43 13.72
CA ASN A 74 12.99 -5.49 13.76
C ASN A 74 13.63 -5.88 12.43
N SER A 75 12.87 -5.80 11.34
CA SER A 75 13.43 -6.06 10.02
C SER A 75 14.07 -4.78 9.50
N ASP A 76 13.25 -3.76 9.47
CA ASP A 76 13.62 -2.42 9.03
C ASP A 76 14.77 -1.84 9.84
N GLU A 77 14.54 -1.69 11.14
CA GLU A 77 15.47 -1.02 12.04
C GLU A 77 16.67 -1.88 12.37
N ALA A 78 16.94 -2.85 11.51
CA ALA A 78 18.17 -3.62 11.57
C ALA A 78 19.36 -2.70 11.30
N GLY A 79 19.09 -1.57 10.64
CA GLY A 79 20.12 -0.59 10.39
C GLY A 79 19.60 0.84 10.55
N CYS A 80 18.84 1.29 9.57
CA CYS A 80 18.28 2.64 9.54
C CYS A 80 19.35 3.71 9.73
N SER A 81 19.48 4.23 10.95
CA SER A 81 20.44 5.29 11.24
C SER A 81 20.50 5.56 12.74
N HIS A 82 21.23 6.60 13.13
CA HIS A 82 21.35 6.98 14.53
C HIS A 82 21.18 8.49 14.70
N SER A 1 -9.07 8.85 -15.61
CA SER A 1 -9.08 9.94 -16.61
C SER A 1 -10.48 10.54 -16.76
N ALA A 2 -11.36 9.81 -17.45
CA ALA A 2 -12.75 10.25 -17.59
C ALA A 2 -13.53 9.88 -16.33
N ARG A 3 -13.69 10.87 -15.44
CA ARG A 3 -14.34 10.68 -14.13
C ARG A 3 -13.43 9.90 -13.18
N THR A 4 -12.79 8.87 -13.72
CA THR A 4 -11.85 8.07 -12.96
C THR A 4 -10.58 8.87 -12.66
N CYS A 5 -9.90 8.49 -11.60
CA CYS A 5 -8.68 9.16 -11.17
C CYS A 5 -7.52 8.93 -12.17
N PRO A 6 -6.41 9.69 -12.05
CA PRO A 6 -5.24 9.54 -12.94
C PRO A 6 -4.64 8.13 -12.93
N PRO A 7 -3.74 7.82 -13.89
CA PRO A 7 -3.16 6.46 -14.05
C PRO A 7 -2.18 6.06 -12.95
N ASN A 8 -2.19 6.81 -11.85
CA ASN A 8 -1.38 6.49 -10.68
C ASN A 8 -2.25 6.66 -9.44
N GLN A 9 -3.54 6.83 -9.68
CA GLN A 9 -4.47 7.23 -8.65
C GLN A 9 -5.75 6.41 -8.76
N PHE A 10 -6.31 6.05 -7.62
CA PHE A 10 -7.49 5.23 -7.56
C PHE A 10 -8.66 6.09 -7.15
N SER A 11 -9.78 5.86 -7.81
CA SER A 11 -10.97 6.63 -7.59
C SER A 11 -11.96 5.80 -6.80
N CYS A 12 -11.94 6.03 -5.51
CA CYS A 12 -12.83 5.39 -4.57
C CYS A 12 -14.25 5.89 -4.80
N ALA A 13 -15.16 5.56 -3.90
CA ALA A 13 -16.51 6.14 -3.88
C ALA A 13 -16.46 7.59 -4.34
N SER A 14 -17.32 7.92 -5.32
CA SER A 14 -17.25 9.17 -6.07
C SER A 14 -16.99 10.37 -5.17
N GLY A 15 -15.71 10.69 -5.05
CA GLY A 15 -15.29 11.78 -4.20
C GLY A 15 -13.83 11.63 -3.80
N ARG A 16 -13.38 10.39 -3.61
CA ARG A 16 -12.00 10.15 -3.24
C ARG A 16 -11.12 9.94 -4.47
N CYS A 17 -9.87 10.32 -4.34
CA CYS A 17 -8.90 10.19 -5.42
C CYS A 17 -7.53 9.99 -4.79
N ILE A 18 -7.10 8.74 -4.69
CA ILE A 18 -5.96 8.38 -3.86
C ILE A 18 -4.84 7.77 -4.70
N PRO A 19 -3.58 7.92 -4.30
CA PRO A 19 -2.49 7.19 -4.94
C PRO A 19 -2.72 5.68 -4.85
N ILE A 20 -2.62 4.96 -5.95
CA ILE A 20 -2.90 3.53 -5.94
C ILE A 20 -1.79 2.76 -5.26
N SER A 21 -1.84 2.74 -3.95
CA SER A 21 -0.99 1.89 -3.16
C SER A 21 -1.76 1.44 -1.94
N TRP A 22 -3.01 1.91 -1.90
CA TRP A 22 -3.82 1.82 -0.68
C TRP A 22 -4.90 0.75 -0.76
N THR A 23 -5.80 0.90 -1.70
CA THR A 23 -6.94 -0.01 -1.85
C THR A 23 -6.51 -1.48 -1.75
N CYS A 24 -5.38 -1.79 -2.33
CA CYS A 24 -4.86 -3.14 -2.35
C CYS A 24 -3.80 -3.36 -1.25
N ASP A 25 -3.97 -2.74 -0.06
CA ASP A 25 -3.06 -3.03 1.06
C ASP A 25 -3.79 -3.66 2.25
N LEU A 26 -4.61 -2.88 2.98
CA LEU A 26 -5.31 -3.41 4.16
C LEU A 26 -6.45 -2.51 4.66
N ASP A 27 -6.46 -1.22 4.31
CA ASP A 27 -7.42 -0.29 4.93
C ASP A 27 -7.58 1.01 4.12
N ASP A 28 -8.50 1.86 4.61
CA ASP A 28 -8.67 3.27 4.21
C ASP A 28 -9.84 3.52 3.24
N ASP A 29 -9.67 3.21 1.96
CA ASP A 29 -10.60 3.71 0.95
C ASP A 29 -11.90 2.92 0.85
N CYS A 30 -12.04 2.09 -0.16
CA CYS A 30 -13.29 1.39 -0.40
C CYS A 30 -13.11 0.35 -1.48
N GLY A 31 -12.25 0.63 -2.45
CA GLY A 31 -12.09 -0.23 -3.60
C GLY A 31 -13.40 -0.47 -4.32
N ASP A 32 -14.03 -1.56 -3.95
CA ASP A 32 -15.30 -1.99 -4.54
C ASP A 32 -16.30 -2.18 -3.42
N ARG A 33 -16.41 -1.18 -2.56
CA ARG A 33 -17.10 -1.28 -1.27
C ARG A 33 -16.23 -2.08 -0.29
N SER A 34 -15.57 -3.09 -0.83
CA SER A 34 -14.67 -3.92 -0.08
C SER A 34 -13.35 -4.00 -0.83
N ASP A 35 -12.52 -3.01 -0.55
CA ASP A 35 -11.18 -2.87 -1.13
C ASP A 35 -10.29 -4.08 -0.77
N GLU A 36 -10.82 -4.98 0.03
CA GLU A 36 -10.08 -6.15 0.51
C GLU A 36 -10.50 -7.37 -0.29
N SER A 37 -11.20 -7.13 -1.37
CA SER A 37 -11.64 -8.20 -2.27
C SER A 37 -11.90 -7.61 -3.65
N ALA A 38 -12.45 -8.45 -4.53
CA ALA A 38 -12.91 -8.02 -5.86
C ALA A 38 -11.77 -7.68 -6.80
N SER A 39 -11.05 -6.61 -6.51
CA SER A 39 -10.01 -6.14 -7.41
C SER A 39 -8.62 -6.46 -6.86
N CYS A 40 -8.45 -6.40 -5.55
CA CYS A 40 -7.19 -6.77 -4.95
C CYS A 40 -7.23 -8.23 -4.56
N ALA A 41 -6.39 -9.03 -5.21
CA ALA A 41 -6.34 -10.46 -4.94
C ALA A 41 -5.46 -10.76 -3.73
N TYR A 42 -4.70 -9.75 -3.30
CA TYR A 42 -3.79 -9.86 -2.16
C TYR A 42 -2.92 -11.12 -2.24
N PRO A 43 -2.01 -11.18 -3.23
CA PRO A 43 -1.14 -12.34 -3.43
C PRO A 43 0.00 -12.40 -2.41
N THR A 44 0.61 -11.24 -2.17
CA THR A 44 1.75 -11.15 -1.28
C THR A 44 1.96 -9.68 -0.88
N CYS A 45 0.87 -8.92 -0.93
CA CYS A 45 0.93 -7.46 -0.88
C CYS A 45 1.64 -6.96 -2.14
N PHE A 46 1.81 -5.64 -2.22
CA PHE A 46 2.56 -5.01 -3.31
C PHE A 46 2.17 -5.49 -4.71
N PRO A 47 1.13 -4.91 -5.29
CA PRO A 47 0.88 -4.99 -6.72
C PRO A 47 1.18 -3.66 -7.43
N LEU A 48 1.70 -2.69 -6.67
CA LEU A 48 1.78 -1.30 -7.14
C LEU A 48 3.08 -0.63 -6.72
N THR A 49 3.20 -0.35 -5.44
CA THR A 49 4.35 0.32 -4.88
C THR A 49 4.34 0.13 -3.36
N GLN A 50 4.90 -0.99 -2.93
CA GLN A 50 4.69 -1.45 -1.57
C GLN A 50 5.84 -2.31 -1.06
N PHE A 51 5.81 -2.51 0.24
CA PHE A 51 6.63 -3.48 0.95
C PHE A 51 5.68 -4.41 1.69
N THR A 52 6.09 -5.62 1.96
CA THR A 52 5.24 -6.56 2.65
C THR A 52 5.69 -6.68 4.09
N CYS A 53 5.10 -5.85 4.93
CA CYS A 53 5.47 -5.78 6.34
C CYS A 53 5.40 -7.15 7.00
N ASN A 54 6.45 -7.47 7.75
CA ASN A 54 6.60 -8.78 8.36
C ASN A 54 5.52 -9.03 9.41
N ASN A 55 5.10 -7.97 10.08
CA ASN A 55 4.10 -8.08 11.11
C ASN A 55 2.68 -8.04 10.52
N GLY A 56 2.54 -8.51 9.27
CA GLY A 56 1.23 -8.78 8.73
C GLY A 56 0.68 -7.67 7.87
N ARG A 57 1.35 -6.54 7.83
CA ARG A 57 0.85 -5.41 7.07
C ARG A 57 1.38 -5.42 5.64
N CYS A 58 0.73 -4.67 4.79
CA CYS A 58 1.29 -4.31 3.50
C CYS A 58 1.56 -2.81 3.53
N ILE A 59 2.82 -2.40 3.40
CA ILE A 59 3.14 -0.99 3.56
C ILE A 59 3.63 -0.39 2.25
N ASN A 60 3.78 0.93 2.18
CA ASN A 60 4.28 1.58 0.97
C ASN A 60 5.81 1.57 0.96
N ILE A 61 6.40 1.76 -0.21
CA ILE A 61 7.83 1.54 -0.41
C ILE A 61 8.69 2.80 -0.14
N ASN A 62 8.16 3.77 0.57
CA ASN A 62 8.89 5.02 0.81
C ASN A 62 9.42 5.10 2.24
N TRP A 63 9.47 3.98 2.94
CA TRP A 63 9.87 3.98 4.36
C TRP A 63 11.26 3.37 4.56
N ARG A 64 11.96 3.18 3.45
CA ARG A 64 13.34 2.69 3.46
C ARG A 64 14.28 3.69 4.15
N CYS A 65 14.73 3.37 5.36
CA CYS A 65 15.73 4.20 6.02
C CYS A 65 17.09 3.53 6.09
N ASP A 66 17.11 2.22 6.28
CA ASP A 66 18.37 1.49 6.37
C ASP A 66 18.37 0.16 5.60
N ASN A 67 17.49 -0.75 5.98
CA ASN A 67 17.46 -2.07 5.39
C ASN A 67 16.43 -2.14 4.27
N ASP A 68 15.16 -2.00 4.62
CA ASP A 68 14.09 -2.03 3.64
C ASP A 68 12.99 -1.05 4.04
N ASN A 69 11.75 -1.47 4.14
CA ASN A 69 10.69 -0.51 4.46
C ASN A 69 10.15 -0.67 5.86
N ASP A 70 9.91 0.48 6.49
CA ASP A 70 9.72 0.60 7.93
C ASP A 70 8.38 0.05 8.41
N CYS A 71 8.38 -0.42 9.65
CA CYS A 71 7.18 -0.96 10.28
C CYS A 71 7.18 -0.73 11.79
N GLY A 72 8.33 -0.97 12.41
CA GLY A 72 8.42 -0.92 13.85
C GLY A 72 8.48 -2.31 14.45
N ASP A 73 8.81 -3.28 13.61
CA ASP A 73 8.84 -4.69 14.00
C ASP A 73 10.04 -5.40 13.40
N ASN A 74 11.08 -4.61 13.10
CA ASN A 74 12.38 -5.12 12.62
C ASN A 74 12.33 -5.45 11.13
N SER A 75 11.43 -4.79 10.42
CA SER A 75 11.34 -4.95 8.98
C SER A 75 12.48 -4.21 8.28
N ASP A 76 12.39 -2.91 8.32
CA ASP A 76 13.44 -2.03 7.84
C ASP A 76 14.37 -1.72 8.99
N GLU A 77 13.72 -1.49 10.13
CA GLU A 77 14.33 -0.94 11.35
C GLU A 77 15.33 -1.89 11.97
N ALA A 78 15.70 -2.91 11.21
CA ALA A 78 16.74 -3.87 11.62
C ALA A 78 17.95 -3.16 12.25
N GLY A 79 18.32 -2.00 11.70
CA GLY A 79 19.39 -1.23 12.30
C GLY A 79 19.31 0.26 11.97
N CYS A 80 18.10 0.79 11.94
CA CYS A 80 17.88 2.17 11.52
C CYS A 80 18.35 3.17 12.56
N SER A 81 17.78 3.12 13.77
CA SER A 81 18.12 4.08 14.81
C SER A 81 17.87 3.51 16.20
N HIS A 82 18.35 4.23 17.22
CA HIS A 82 18.18 3.82 18.62
C HIS A 82 18.09 5.06 19.50
#